data_1QP6
#
_entry.id   1QP6
#
_cell.length_a   1.000
_cell.length_b   1.000
_cell.length_c   1.000
_cell.angle_alpha   90.00
_cell.angle_beta   90.00
_cell.angle_gamma   90.00
#
_symmetry.space_group_name_H-M   'P 1'
#
_entity_poly.entity_id   1
_entity_poly.type   'polypeptide(L)'
_entity_poly.pdbx_seq_one_letter_code
;GEVEELEKKFKELWKGPRRGEIEELHKKFHELIKG
;
_entity_poly.pdbx_strand_id   A,B
#
# COMPACT_ATOMS: atom_id res chain seq x y z
N GLY A 1 -13.88 -8.56 5.14
CA GLY A 1 -12.75 -7.85 4.47
C GLY A 1 -12.29 -6.69 5.35
N GLU A 2 -11.01 -6.59 5.62
CA GLU A 2 -10.51 -5.47 6.47
C GLU A 2 -9.29 -4.83 5.81
N VAL A 3 -8.09 -5.18 6.22
CA VAL A 3 -6.88 -4.57 5.61
C VAL A 3 -5.99 -5.65 4.96
N GLU A 4 -6.25 -6.89 5.25
CA GLU A 4 -5.42 -7.98 4.65
C GLU A 4 -5.40 -7.84 3.12
N GLU A 5 -6.36 -7.16 2.56
CA GLU A 5 -6.40 -6.99 1.08
C GLU A 5 -5.27 -6.07 0.61
N LEU A 6 -5.11 -4.94 1.25
CA LEU A 6 -4.03 -4.00 0.82
C LEU A 6 -2.66 -4.64 1.05
N GLU A 7 -2.51 -5.38 2.11
CA GLU A 7 -1.20 -6.03 2.38
C GLU A 7 -0.88 -7.08 1.32
N LYS A 8 -1.83 -7.91 1.00
CA LYS A 8 -1.59 -8.96 -0.03
C LYS A 8 -1.25 -8.34 -1.37
N LYS A 9 -2.02 -7.37 -1.80
CA LYS A 9 -1.71 -6.72 -3.11
C LYS A 9 -0.30 -6.14 -3.06
N PHE A 10 0.14 -5.79 -1.89
CA PHE A 10 1.51 -5.22 -1.74
C PHE A 10 2.57 -6.27 -2.09
N LYS A 11 2.74 -7.26 -1.27
CA LYS A 11 3.79 -8.29 -1.55
C LYS A 11 3.53 -9.00 -2.89
N GLU A 12 2.33 -8.92 -3.39
CA GLU A 12 2.02 -9.60 -4.68
C GLU A 12 2.53 -8.76 -5.85
N LEU A 13 2.59 -7.47 -5.69
CA LEU A 13 3.08 -6.62 -6.81
C LEU A 13 4.61 -6.63 -6.84
N TRP A 14 5.24 -6.71 -5.70
CA TRP A 14 6.74 -6.74 -5.69
C TRP A 14 7.23 -8.07 -6.27
N LYS A 15 6.62 -9.14 -5.86
CA LYS A 15 7.05 -10.47 -6.35
C LYS A 15 6.01 -11.00 -7.36
N GLY A 16 6.13 -10.58 -8.59
CA GLY A 16 5.16 -11.03 -9.64
C GLY A 16 5.25 -10.06 -10.82
N PRO A 17 4.47 -9.02 -10.75
CA PRO A 17 4.47 -8.00 -11.82
C PRO A 17 5.69 -7.07 -11.64
N ARG A 18 5.64 -5.87 -12.16
CA ARG A 18 6.80 -4.95 -12.01
C ARG A 18 7.16 -4.82 -10.52
N ARG A 19 8.10 -3.96 -10.20
CA ARG A 19 8.48 -3.79 -8.77
C ARG A 19 8.90 -2.35 -8.49
N GLY A 20 9.77 -1.81 -9.30
CA GLY A 20 10.23 -0.42 -9.08
C GLY A 20 9.02 0.52 -9.02
N GLU A 21 8.05 0.31 -9.88
CA GLU A 21 6.85 1.19 -9.87
C GLU A 21 6.04 0.98 -8.59
N ILE A 22 6.07 -0.21 -8.04
CA ILE A 22 5.30 -0.47 -6.79
C ILE A 22 5.92 0.29 -5.62
N GLU A 23 7.16 0.03 -5.33
CA GLU A 23 7.82 0.74 -4.20
C GLU A 23 7.73 2.26 -4.44
N GLU A 24 7.67 2.67 -5.67
CA GLU A 24 7.54 4.13 -5.93
C GLU A 24 6.20 4.59 -5.37
N LEU A 25 5.17 3.81 -5.59
CA LEU A 25 3.84 4.16 -5.05
C LEU A 25 3.91 4.21 -3.54
N HIS A 26 4.64 3.33 -2.92
CA HIS A 26 4.77 3.35 -1.43
C HIS A 26 5.22 4.74 -0.98
N LYS A 27 6.21 5.30 -1.64
CA LYS A 27 6.66 6.66 -1.25
C LYS A 27 5.46 7.61 -1.32
N LYS A 28 4.66 7.48 -2.35
CA LYS A 28 3.45 8.33 -2.48
C LYS A 28 2.54 8.12 -1.27
N PHE A 29 2.42 6.90 -0.81
CA PHE A 29 1.56 6.61 0.37
C PHE A 29 2.07 7.37 1.58
N HIS A 30 3.35 7.58 1.68
CA HIS A 30 3.88 8.33 2.84
C HIS A 30 3.38 9.77 2.74
N GLU A 31 3.37 10.32 1.55
CA GLU A 31 2.86 11.70 1.37
C GLU A 31 1.32 11.66 1.23
N LEU A 32 0.75 10.48 1.25
CA LEU A 32 -0.73 10.33 1.11
C LEU A 32 -1.40 10.36 2.49
N ILE A 33 -0.81 9.71 3.45
CA ILE A 33 -1.43 9.65 4.80
C ILE A 33 -0.51 10.27 5.86
N LYS A 34 0.69 10.60 5.50
CA LYS A 34 1.62 11.21 6.50
C LYS A 34 1.70 10.33 7.76
N GLY A 35 2.38 10.80 8.76
CA GLY A 35 2.50 9.98 10.01
C GLY A 35 2.61 10.92 11.21
N GLY B 1 -3.38 -5.22 -15.92
CA GLY B 1 -3.24 -4.92 -14.47
C GLY B 1 -1.79 -4.57 -14.15
N GLU B 2 -1.56 -3.48 -13.48
CA GLU B 2 -0.16 -3.09 -13.15
C GLU B 2 -0.07 -2.69 -11.66
N VAL B 3 -0.11 -1.41 -11.36
CA VAL B 3 -0.01 -1.00 -9.93
C VAL B 3 -1.26 -0.21 -9.50
N GLU B 4 -2.06 0.20 -10.45
CA GLU B 4 -3.30 0.97 -10.11
C GLU B 4 -4.14 0.18 -9.09
N GLU B 5 -3.94 -1.10 -9.01
CA GLU B 5 -4.72 -1.93 -8.05
C GLU B 5 -4.30 -1.61 -6.60
N LEU B 6 -3.02 -1.60 -6.34
CA LEU B 6 -2.55 -1.32 -4.95
C LEU B 6 -2.93 0.11 -4.55
N GLU B 7 -2.85 1.03 -5.48
CA GLU B 7 -3.22 2.44 -5.14
C GLU B 7 -4.70 2.56 -4.81
N LYS B 8 -5.54 1.96 -5.62
CA LYS B 8 -7.00 2.05 -5.35
C LYS B 8 -7.35 1.42 -4.01
N LYS B 9 -6.84 0.25 -3.74
CA LYS B 9 -7.14 -0.40 -2.43
C LYS B 9 -6.68 0.52 -1.31
N PHE B 10 -5.67 1.30 -1.58
CA PHE B 10 -5.15 2.23 -0.54
C PHE B 10 -6.20 3.30 -0.18
N LYS B 11 -6.48 4.21 -1.07
CA LYS B 11 -7.46 5.28 -0.76
C LYS B 11 -8.85 4.69 -0.45
N GLU B 12 -9.09 3.47 -0.84
CA GLU B 12 -10.42 2.85 -0.57
C GLU B 12 -10.49 2.37 0.87
N LEU B 13 -9.38 1.99 1.45
CA LEU B 13 -9.41 1.52 2.84
C LEU B 13 -9.44 2.70 3.81
N TRP B 14 -8.80 3.79 3.47
CA TRP B 14 -8.84 4.98 4.37
C TRP B 14 -10.25 5.58 4.37
N LYS B 15 -10.83 5.72 3.21
CA LYS B 15 -12.19 6.30 3.14
C LYS B 15 -13.21 5.20 2.85
N GLY B 16 -13.64 4.52 3.88
CA GLY B 16 -14.63 3.43 3.71
C GLY B 16 -14.60 2.55 4.97
N PRO B 17 -13.73 1.58 4.95
CA PRO B 17 -13.59 0.67 6.11
C PRO B 17 -12.77 1.37 7.20
N ARG B 18 -12.15 0.62 8.08
CA ARG B 18 -11.34 1.26 9.16
C ARG B 18 -10.32 2.22 8.53
N ARG B 19 -9.46 2.79 9.33
CA ARG B 19 -8.45 3.73 8.77
C ARG B 19 -7.14 3.65 9.57
N GLY B 20 -7.23 3.75 10.88
CA GLY B 20 -5.99 3.69 11.71
C GLY B 20 -5.22 2.41 11.38
N GLU B 21 -5.91 1.31 11.20
CA GLU B 21 -5.20 0.04 10.89
C GLU B 21 -4.56 0.10 9.50
N ILE B 22 -5.16 0.85 8.60
CA ILE B 22 -4.57 0.95 7.23
C ILE B 22 -3.26 1.72 7.27
N GLU B 23 -3.29 2.94 7.73
CA GLU B 23 -2.06 3.74 7.80
C GLU B 23 -1.00 2.99 8.63
N GLU B 24 -1.44 2.18 9.55
CA GLU B 24 -0.45 1.40 10.35
C GLU B 24 0.26 0.45 9.39
N LEU B 25 -0.48 -0.16 8.51
CA LEU B 25 0.15 -1.08 7.53
C LEU B 25 1.14 -0.31 6.68
N HIS B 26 0.81 0.90 6.31
CA HIS B 26 1.75 1.71 5.48
C HIS B 26 3.10 1.77 6.18
N LYS B 27 3.12 2.01 7.46
CA LYS B 27 4.44 2.05 8.18
C LYS B 27 5.15 0.71 7.93
N LYS B 28 4.42 -0.36 8.01
CA LYS B 28 5.03 -1.70 7.77
C LYS B 28 5.61 -1.74 6.34
N PHE B 29 4.94 -1.15 5.39
CA PHE B 29 5.45 -1.15 3.99
C PHE B 29 6.79 -0.43 3.94
N HIS B 30 6.99 0.55 4.77
CA HIS B 30 8.31 1.25 4.76
C HIS B 30 9.38 0.26 5.22
N GLU B 31 9.07 -0.53 6.21
CA GLU B 31 10.06 -1.54 6.68
C GLU B 31 9.95 -2.82 5.80
N LEU B 32 9.04 -2.80 4.85
CA LEU B 32 8.86 -3.97 3.95
C LEU B 32 9.74 -3.84 2.71
N ILE B 33 9.81 -2.66 2.16
CA ILE B 33 10.60 -2.47 0.92
C ILE B 33 11.74 -1.45 1.13
N LYS B 34 11.77 -0.81 2.27
CA LYS B 34 12.85 0.18 2.53
C LYS B 34 12.94 1.20 1.39
N GLY B 35 13.92 2.06 1.41
CA GLY B 35 14.06 3.06 0.32
C GLY B 35 15.53 3.38 0.11
N GLY A 1 -15.51 3.91 -0.26
CA GLY A 1 -14.08 3.61 -0.55
C GLY A 1 -13.66 2.32 0.15
N GLU A 2 -12.88 1.50 -0.50
CA GLU A 2 -12.45 0.22 0.13
C GLU A 2 -10.93 0.21 0.34
N VAL A 3 -10.22 1.16 -0.23
CA VAL A 3 -8.74 1.19 -0.06
C VAL A 3 -8.37 1.39 1.42
N GLU A 4 -9.31 1.84 2.21
CA GLU A 4 -9.02 2.06 3.65
C GLU A 4 -8.50 0.76 4.30
N GLU A 5 -8.74 -0.36 3.68
CA GLU A 5 -8.27 -1.65 4.26
C GLU A 5 -6.75 -1.79 4.09
N LEU A 6 -6.25 -1.54 2.91
CA LEU A 6 -4.77 -1.66 2.70
C LEU A 6 -4.06 -0.55 3.49
N GLU A 7 -4.72 0.55 3.72
CA GLU A 7 -4.08 1.67 4.49
C GLU A 7 -3.92 1.26 5.96
N LYS A 8 -4.99 0.81 6.56
CA LYS A 8 -4.90 0.41 7.99
C LYS A 8 -3.88 -0.70 8.15
N LYS A 9 -3.95 -1.71 7.33
CA LYS A 9 -2.95 -2.81 7.41
C LYS A 9 -1.56 -2.23 7.18
N PHE A 10 -1.49 -1.11 6.50
CA PHE A 10 -0.18 -0.47 6.23
C PHE A 10 0.52 -0.03 7.53
N LYS A 11 -0.04 0.92 8.22
CA LYS A 11 0.61 1.38 9.49
C LYS A 11 0.62 0.27 10.54
N GLU A 12 -0.35 -0.59 10.50
CA GLU A 12 -0.40 -1.69 11.49
C GLU A 12 0.65 -2.75 11.17
N LEU A 13 1.09 -2.80 9.93
CA LEU A 13 2.11 -3.82 9.57
C LEU A 13 3.50 -3.33 10.02
N TRP A 14 3.78 -2.07 9.86
CA TRP A 14 5.10 -1.55 10.31
C TRP A 14 5.23 -1.71 11.81
N LYS A 15 4.23 -1.30 12.54
CA LYS A 15 4.29 -1.42 14.03
C LYS A 15 3.45 -2.61 14.49
N GLY A 16 4.03 -3.78 14.49
CA GLY A 16 3.28 -5.00 14.92
C GLY A 16 3.98 -6.23 14.34
N PRO A 17 3.56 -6.63 13.18
CA PRO A 17 4.16 -7.81 12.50
C PRO A 17 5.52 -7.42 11.92
N ARG A 18 5.99 -8.10 10.89
CA ARG A 18 7.31 -7.74 10.31
C ARG A 18 7.33 -6.25 9.95
N ARG A 19 8.39 -5.80 9.34
CA ARG A 19 8.44 -4.36 8.96
C ARG A 19 9.29 -4.18 7.69
N GLY A 20 10.39 -4.86 7.59
CA GLY A 20 11.25 -4.72 6.39
C GLY A 20 10.48 -5.18 5.15
N GLU A 21 9.76 -6.25 5.26
CA GLU A 21 8.98 -6.75 4.09
C GLU A 21 7.87 -5.76 3.72
N ILE A 22 7.39 -5.02 4.68
CA ILE A 22 6.32 -4.03 4.37
C ILE A 22 6.89 -2.86 3.58
N GLU A 23 7.86 -2.18 4.13
CA GLU A 23 8.47 -1.04 3.41
C GLU A 23 9.00 -1.52 2.06
N GLU A 24 9.32 -2.78 1.95
CA GLU A 24 9.81 -3.30 0.65
C GLU A 24 8.64 -3.29 -0.34
N LEU A 25 7.48 -3.66 0.13
CA LEU A 25 6.29 -3.64 -0.76
C LEU A 25 5.98 -2.20 -1.18
N HIS A 26 6.33 -1.24 -0.37
CA HIS A 26 6.06 0.17 -0.74
C HIS A 26 6.91 0.54 -1.97
N LYS A 27 8.19 0.27 -1.92
CA LYS A 27 9.05 0.60 -3.09
C LYS A 27 8.45 -0.04 -4.35
N LYS A 28 7.98 -1.25 -4.23
CA LYS A 28 7.37 -1.92 -5.42
C LYS A 28 6.15 -1.12 -5.87
N PHE A 29 5.33 -0.68 -4.94
CA PHE A 29 4.13 0.11 -5.31
C PHE A 29 4.54 1.30 -6.16
N HIS A 30 5.70 1.86 -5.90
CA HIS A 30 6.17 3.01 -6.73
C HIS A 30 6.42 2.52 -8.14
N GLU A 31 7.02 1.36 -8.27
CA GLU A 31 7.25 0.79 -9.63
C GLU A 31 6.00 0.02 -10.09
N LEU A 32 4.97 0.03 -9.27
CA LEU A 32 3.71 -0.69 -9.64
C LEU A 32 2.73 0.27 -10.30
N ILE A 33 2.76 1.52 -9.92
CA ILE A 33 1.79 2.50 -10.52
C ILE A 33 2.54 3.64 -11.21
N LYS A 34 3.80 3.80 -10.93
CA LYS A 34 4.58 4.89 -11.57
C LYS A 34 3.88 6.24 -11.37
N GLY A 35 4.26 6.97 -10.36
CA GLY A 35 3.62 8.29 -10.10
C GLY A 35 3.42 8.46 -8.59
N GLY B 1 3.37 -14.34 6.50
CA GLY B 1 3.29 -12.90 6.11
C GLY B 1 1.82 -12.50 5.94
N GLU B 2 1.45 -11.33 6.38
CA GLU B 2 0.04 -10.90 6.24
C GLU B 2 -0.05 -9.66 5.32
N VAL B 3 1.06 -9.07 4.99
CA VAL B 3 1.03 -7.86 4.10
C VAL B 3 0.47 -8.23 2.72
N GLU B 4 0.43 -9.50 2.40
CA GLU B 4 -0.10 -9.91 1.08
C GLU B 4 -1.54 -9.41 0.89
N GLU B 5 -2.20 -9.05 1.96
CA GLU B 5 -3.59 -8.55 1.84
C GLU B 5 -3.60 -7.13 1.26
N LEU B 6 -2.79 -6.26 1.78
CA LEU B 6 -2.76 -4.86 1.24
C LEU B 6 -2.20 -4.87 -0.18
N GLU B 7 -1.37 -5.83 -0.49
CA GLU B 7 -0.79 -5.91 -1.87
C GLU B 7 -1.87 -6.30 -2.87
N LYS B 8 -2.58 -7.36 -2.61
CA LYS B 8 -3.65 -7.78 -3.54
C LYS B 8 -4.67 -6.67 -3.69
N LYS B 9 -5.13 -6.12 -2.61
CA LYS B 9 -6.11 -5.00 -2.71
C LYS B 9 -5.47 -3.85 -3.49
N PHE B 10 -4.16 -3.80 -3.49
CA PHE B 10 -3.44 -2.71 -4.22
C PHE B 10 -3.72 -2.79 -5.73
N LYS B 11 -3.25 -3.83 -6.38
CA LYS B 11 -3.48 -3.93 -7.85
C LYS B 11 -4.97 -4.07 -8.17
N GLU B 12 -5.70 -4.66 -7.28
CA GLU B 12 -7.17 -4.84 -7.53
C GLU B 12 -7.90 -3.51 -7.35
N LEU B 13 -7.31 -2.59 -6.63
CA LEU B 13 -7.99 -1.29 -6.44
C LEU B 13 -7.78 -0.42 -7.68
N TRP B 14 -6.60 -0.44 -8.25
CA TRP B 14 -6.35 0.38 -9.47
C TRP B 14 -7.25 -0.11 -10.61
N LYS B 15 -7.28 -1.40 -10.82
CA LYS B 15 -8.13 -1.94 -11.91
C LYS B 15 -9.40 -2.56 -11.32
N GLY B 16 -10.40 -1.74 -11.11
CA GLY B 16 -11.68 -2.26 -10.53
C GLY B 16 -12.46 -1.08 -9.93
N PRO B 17 -12.21 -0.84 -8.67
CA PRO B 17 -12.89 0.28 -7.96
C PRO B 17 -12.24 1.61 -8.37
N ARG B 18 -12.31 2.63 -7.55
CA ARG B 18 -11.67 3.93 -7.94
C ARG B 18 -10.21 3.71 -8.31
N ARG B 19 -9.49 4.76 -8.58
CA ARG B 19 -8.05 4.59 -8.94
C ARG B 19 -7.25 5.81 -8.49
N GLY B 20 -7.77 6.99 -8.68
CA GLY B 20 -7.03 8.21 -8.27
C GLY B 20 -6.81 8.20 -6.76
N GLU B 21 -7.81 7.81 -6.01
CA GLU B 21 -7.66 7.78 -4.53
C GLU B 21 -6.63 6.71 -4.12
N ILE B 22 -6.48 5.69 -4.91
CA ILE B 22 -5.49 4.63 -4.57
C ILE B 22 -4.07 5.15 -4.77
N GLU B 23 -3.75 5.57 -5.95
CA GLU B 23 -2.39 6.12 -6.20
C GLU B 23 -2.12 7.28 -5.26
N GLU B 24 -3.15 7.94 -4.81
CA GLU B 24 -2.94 9.05 -3.85
C GLU B 24 -2.44 8.46 -2.54
N LEU B 25 -3.02 7.35 -2.13
CA LEU B 25 -2.57 6.70 -0.87
C LEU B 25 -1.13 6.24 -1.02
N HIS B 26 -0.70 5.94 -2.21
CA HIS B 26 0.71 5.49 -2.40
C HIS B 26 1.67 6.65 -2.08
N LYS B 27 1.43 7.80 -2.64
CA LYS B 27 2.30 8.97 -2.33
C LYS B 27 2.38 9.15 -0.81
N LYS B 28 1.27 9.01 -0.14
CA LYS B 28 1.27 9.17 1.34
C LYS B 28 2.18 8.10 1.95
N PHE B 29 2.07 6.89 1.48
CA PHE B 29 2.93 5.79 2.02
C PHE B 29 4.40 6.20 1.94
N HIS B 30 4.76 6.95 0.93
CA HIS B 30 6.17 7.39 0.81
C HIS B 30 6.47 8.35 1.96
N GLU B 31 5.54 9.22 2.25
CA GLU B 31 5.74 10.16 3.39
C GLU B 31 5.29 9.48 4.70
N LEU B 32 4.87 8.24 4.61
CA LEU B 32 4.41 7.50 5.82
C LEU B 32 5.56 6.67 6.40
N ILE B 33 6.45 6.20 5.56
CA ILE B 33 7.58 5.38 6.08
C ILE B 33 8.93 6.01 5.73
N LYS B 34 8.94 6.94 4.83
CA LYS B 34 10.23 7.60 4.44
C LYS B 34 11.27 6.54 4.06
N GLY B 35 11.40 6.25 2.79
CA GLY B 35 12.39 5.24 2.36
C GLY B 35 11.80 4.37 1.26
N GLY A 1 -6.21 3.96 -12.16
CA GLY A 1 -5.45 2.71 -12.48
C GLY A 1 -5.61 1.71 -11.34
N GLU A 2 -4.84 0.65 -11.34
CA GLU A 2 -4.95 -0.37 -10.26
C GLU A 2 -4.29 0.15 -8.98
N VAL A 3 -3.41 1.11 -9.10
CA VAL A 3 -2.73 1.65 -7.90
C VAL A 3 -3.70 2.51 -7.09
N GLU A 4 -4.56 3.23 -7.75
CA GLU A 4 -5.54 4.09 -7.03
C GLU A 4 -6.47 3.22 -6.16
N GLU A 5 -6.51 1.94 -6.42
CA GLU A 5 -7.39 1.05 -5.61
C GLU A 5 -6.74 0.76 -4.25
N LEU A 6 -5.51 0.32 -4.27
CA LEU A 6 -4.83 0.03 -2.98
C LEU A 6 -4.59 1.35 -2.22
N GLU A 7 -4.50 2.44 -2.93
CA GLU A 7 -4.28 3.75 -2.27
C GLU A 7 -5.54 4.21 -1.55
N LYS A 8 -6.66 4.19 -2.22
CA LYS A 8 -7.93 4.61 -1.56
C LYS A 8 -8.19 3.72 -0.36
N LYS A 9 -8.07 2.43 -0.52
CA LYS A 9 -8.28 1.52 0.63
C LYS A 9 -7.23 1.83 1.70
N PHE A 10 -6.12 2.38 1.29
CA PHE A 10 -5.03 2.72 2.25
C PHE A 10 -5.52 3.75 3.29
N LYS A 11 -5.83 4.94 2.86
CA LYS A 11 -6.29 5.98 3.82
C LYS A 11 -7.63 5.58 4.44
N GLU A 12 -8.45 4.91 3.70
CA GLU A 12 -9.76 4.48 4.25
C GLU A 12 -9.58 3.37 5.27
N LEU A 13 -8.46 2.70 5.23
CA LEU A 13 -8.23 1.61 6.22
C LEU A 13 -7.73 2.20 7.54
N TRP A 14 -6.90 3.20 7.48
CA TRP A 14 -6.39 3.82 8.74
C TRP A 14 -7.55 4.48 9.49
N LYS A 15 -8.38 5.20 8.78
CA LYS A 15 -9.52 5.87 9.43
C LYS A 15 -10.82 5.13 9.10
N GLY A 16 -11.08 4.06 9.79
CA GLY A 16 -12.32 3.27 9.52
C GLY A 16 -12.17 1.89 10.18
N PRO A 17 -11.66 0.95 9.42
CA PRO A 17 -11.46 -0.42 9.94
C PRO A 17 -10.21 -0.45 10.81
N ARG A 18 -9.61 -1.60 11.00
CA ARG A 18 -8.39 -1.68 11.85
C ARG A 18 -7.37 -0.61 11.42
N ARG A 19 -6.26 -0.52 12.11
CA ARG A 19 -5.24 0.50 11.72
C ARG A 19 -3.83 -0.05 11.94
N GLY A 20 -3.61 -0.77 13.01
CA GLY A 20 -2.25 -1.32 13.27
C GLY A 20 -1.86 -2.29 12.14
N GLU A 21 -2.76 -3.13 11.72
CA GLU A 21 -2.43 -4.09 10.62
C GLU A 21 -2.16 -3.35 9.32
N ILE A 22 -2.74 -2.19 9.15
CA ILE A 22 -2.53 -1.42 7.89
C ILE A 22 -1.12 -0.84 7.88
N GLU A 23 -0.78 -0.09 8.90
CA GLU A 23 0.58 0.50 8.97
C GLU A 23 1.61 -0.62 9.01
N GLU A 24 1.23 -1.77 9.48
CA GLU A 24 2.18 -2.92 9.49
C GLU A 24 2.41 -3.33 8.03
N LEU A 25 1.38 -3.24 7.25
CA LEU A 25 1.50 -3.60 5.80
C LEU A 25 2.47 -2.63 5.13
N HIS A 26 2.53 -1.41 5.59
CA HIS A 26 3.46 -0.42 4.98
C HIS A 26 4.90 -0.79 5.33
N LYS A 27 5.14 -1.25 6.53
CA LYS A 27 6.54 -1.63 6.91
C LYS A 27 7.03 -2.74 5.97
N LYS A 28 6.25 -3.79 5.82
CA LYS A 28 6.66 -4.89 4.92
C LYS A 28 6.82 -4.33 3.50
N PHE A 29 5.93 -3.46 3.09
CA PHE A 29 6.01 -2.86 1.73
C PHE A 29 7.41 -2.26 1.53
N HIS A 30 7.98 -1.73 2.57
CA HIS A 30 9.34 -1.16 2.45
C HIS A 30 10.31 -2.32 2.20
N GLU A 31 10.12 -3.41 2.90
CA GLU A 31 10.99 -4.58 2.68
C GLU A 31 10.42 -5.43 1.52
N LEU A 32 9.39 -4.93 0.87
CA LEU A 32 8.76 -5.67 -0.26
C LEU A 32 9.32 -5.15 -1.59
N ILE A 33 9.60 -3.87 -1.66
CA ILE A 33 10.11 -3.31 -2.94
C ILE A 33 11.48 -2.66 -2.74
N LYS A 34 11.86 -2.40 -1.52
CA LYS A 34 13.19 -1.77 -1.25
C LYS A 34 13.35 -0.51 -2.12
N GLY A 35 12.92 0.63 -1.61
CA GLY A 35 13.06 1.88 -2.39
C GLY A 35 11.76 2.15 -3.15
N GLY B 1 -9.29 -9.44 5.23
CA GLY B 1 -9.78 -8.10 5.66
C GLY B 1 -9.63 -7.09 4.52
N GLU B 2 -9.80 -5.83 4.79
CA GLU B 2 -9.67 -4.80 3.72
C GLU B 2 -8.20 -4.56 3.40
N VAL B 3 -7.31 -4.89 4.31
CA VAL B 3 -5.87 -4.68 4.06
C VAL B 3 -5.35 -5.71 3.05
N GLU B 4 -5.86 -6.90 3.10
CA GLU B 4 -5.41 -7.95 2.14
C GLU B 4 -5.75 -7.54 0.70
N GLU B 5 -6.63 -6.58 0.54
CA GLU B 5 -7.00 -6.15 -0.84
C GLU B 5 -5.92 -5.23 -1.41
N LEU B 6 -5.51 -4.22 -0.67
CA LEU B 6 -4.46 -3.32 -1.17
C LEU B 6 -3.12 -4.07 -1.22
N GLU B 7 -2.98 -5.09 -0.41
CA GLU B 7 -1.72 -5.88 -0.39
C GLU B 7 -1.63 -6.75 -1.65
N LYS B 8 -2.66 -7.49 -1.94
CA LYS B 8 -2.63 -8.35 -3.16
C LYS B 8 -2.43 -7.48 -4.38
N LYS B 9 -3.16 -6.40 -4.49
CA LYS B 9 -2.98 -5.50 -5.66
C LYS B 9 -1.55 -4.93 -5.62
N PHE B 10 -0.98 -4.89 -4.45
CA PHE B 10 0.41 -4.36 -4.31
C PHE B 10 1.41 -5.20 -5.11
N LYS B 11 1.59 -6.44 -4.74
CA LYS B 11 2.57 -7.29 -5.47
C LYS B 11 2.11 -7.54 -6.90
N GLU B 12 0.82 -7.61 -7.10
CA GLU B 12 0.30 -7.83 -8.47
C GLU B 12 0.50 -6.59 -9.33
N LEU B 13 0.67 -5.46 -8.71
CA LEU B 13 0.88 -4.21 -9.50
C LEU B 13 2.34 -4.11 -9.94
N TRP B 14 3.26 -4.50 -9.09
CA TRP B 14 4.70 -4.42 -9.48
C TRP B 14 4.96 -5.39 -10.62
N LYS B 15 4.45 -6.58 -10.51
CA LYS B 15 4.67 -7.59 -11.59
C LYS B 15 3.39 -7.76 -12.40
N GLY B 16 3.16 -6.86 -13.33
CA GLY B 16 1.93 -6.94 -14.17
C GLY B 16 1.71 -5.59 -14.85
N PRO B 17 0.95 -4.75 -14.20
CA PRO B 17 0.67 -3.40 -14.76
C PRO B 17 1.89 -2.50 -14.53
N ARG B 18 1.71 -1.20 -14.53
CA ARG B 18 2.86 -0.28 -14.31
C ARG B 18 3.66 -0.71 -13.07
N ARG B 19 4.73 -0.03 -12.78
CA ARG B 19 5.52 -0.41 -11.57
C ARG B 19 6.11 0.85 -10.89
N GLY B 20 6.55 1.81 -11.67
CA GLY B 20 7.12 3.04 -11.06
C GLY B 20 6.05 3.76 -10.25
N GLU B 21 4.85 3.87 -10.76
CA GLU B 21 3.77 4.57 -10.00
C GLU B 21 3.43 3.79 -8.73
N ILE B 22 3.62 2.51 -8.74
CA ILE B 22 3.30 1.69 -7.53
C ILE B 22 4.32 1.96 -6.43
N GLU B 23 5.57 1.79 -6.73
CA GLU B 23 6.62 2.05 -5.71
C GLU B 23 6.57 3.52 -5.30
N GLU B 24 6.09 4.36 -6.18
CA GLU B 24 5.97 5.80 -5.81
C GLU B 24 4.88 5.90 -4.74
N LEU B 25 3.87 5.09 -4.87
CA LEU B 25 2.76 5.09 -3.87
C LEU B 25 3.32 4.67 -2.52
N HIS B 26 4.31 3.83 -2.50
CA HIS B 26 4.90 3.38 -1.21
C HIS B 26 5.67 4.54 -0.56
N LYS B 27 6.36 5.31 -1.35
CA LYS B 27 7.12 6.46 -0.76
C LYS B 27 6.14 7.40 -0.04
N LYS B 28 5.09 7.79 -0.71
CA LYS B 28 4.09 8.68 -0.06
C LYS B 28 3.51 7.98 1.16
N PHE B 29 3.25 6.70 1.05
CA PHE B 29 2.69 5.94 2.20
C PHE B 29 3.58 6.14 3.42
N HIS B 30 4.86 6.27 3.21
CA HIS B 30 5.77 6.50 4.36
C HIS B 30 5.48 7.90 4.91
N GLU B 31 5.28 8.84 4.04
CA GLU B 31 4.94 10.22 4.49
C GLU B 31 3.42 10.32 4.71
N LEU B 32 2.72 9.21 4.58
CA LEU B 32 1.24 9.21 4.77
C LEU B 32 0.90 8.77 6.20
N ILE B 33 1.67 7.86 6.74
CA ILE B 33 1.37 7.37 8.11
C ILE B 33 2.55 7.62 9.06
N LYS B 34 3.71 7.90 8.52
CA LYS B 34 4.90 8.16 9.39
C LYS B 34 5.07 7.01 10.40
N GLY B 35 5.79 6.00 10.03
CA GLY B 35 6.00 4.86 10.98
C GLY B 35 4.97 3.76 10.68
N GLY A 1 -14.58 -1.45 1.89
CA GLY A 1 -14.63 0.04 1.97
C GLY A 1 -13.81 0.65 0.82
N GLU A 2 -12.96 1.59 1.13
CA GLU A 2 -12.14 2.21 0.05
C GLU A 2 -10.70 1.72 0.13
N VAL A 3 -10.09 1.79 1.29
CA VAL A 3 -8.69 1.32 1.43
C VAL A 3 -8.59 -0.19 1.23
N GLU A 4 -9.69 -0.88 1.36
CA GLU A 4 -9.68 -2.37 1.18
C GLU A 4 -9.22 -2.71 -0.25
N GLU A 5 -9.24 -1.77 -1.15
CA GLU A 5 -8.82 -2.06 -2.55
C GLU A 5 -7.29 -2.13 -2.64
N LEU A 6 -6.61 -1.16 -2.14
CA LEU A 6 -5.12 -1.18 -2.22
C LEU A 6 -4.59 -2.32 -1.32
N GLU A 7 -5.29 -2.62 -0.26
CA GLU A 7 -4.85 -3.72 0.64
C GLU A 7 -4.96 -5.07 -0.07
N LYS A 8 -6.09 -5.34 -0.66
CA LYS A 8 -6.26 -6.64 -1.36
C LYS A 8 -5.22 -6.76 -2.48
N LYS A 9 -5.11 -5.78 -3.32
CA LYS A 9 -4.09 -5.85 -4.39
C LYS A 9 -2.71 -5.98 -3.77
N PHE A 10 -2.57 -5.57 -2.54
CA PHE A 10 -1.26 -5.66 -1.84
C PHE A 10 -0.82 -7.12 -1.67
N LYS A 11 -1.54 -7.87 -0.88
CA LYS A 11 -1.14 -9.30 -0.67
C LYS A 11 -1.28 -10.11 -1.95
N GLU A 12 -2.22 -9.74 -2.78
CA GLU A 12 -2.40 -10.48 -4.06
C GLU A 12 -1.27 -10.14 -5.03
N LEU A 13 -0.63 -9.02 -4.83
CA LEU A 13 0.48 -8.64 -5.75
C LEU A 13 1.74 -9.43 -5.37
N TRP A 14 2.00 -9.59 -4.11
CA TRP A 14 3.21 -10.36 -3.69
C TRP A 14 3.08 -11.81 -4.16
N LYS A 15 1.96 -12.40 -3.90
CA LYS A 15 1.75 -13.82 -4.32
C LYS A 15 0.88 -13.86 -5.58
N GLY A 16 1.44 -13.51 -6.71
CA GLY A 16 0.67 -13.51 -7.98
C GLY A 16 1.51 -12.85 -9.07
N PRO A 17 1.32 -11.57 -9.25
CA PRO A 17 2.08 -10.81 -10.27
C PRO A 17 3.50 -10.54 -9.75
N ARG A 18 4.17 -9.56 -10.29
CA ARG A 18 5.56 -9.25 -9.83
C ARG A 18 5.60 -9.19 -8.29
N ARG A 19 6.77 -9.09 -7.73
CA ARG A 19 6.86 -9.02 -6.23
C ARG A 19 7.91 -8.00 -5.80
N GLY A 20 9.05 -7.98 -6.44
CA GLY A 20 10.11 -7.01 -6.07
C GLY A 20 9.59 -5.58 -6.27
N GLU A 21 8.83 -5.36 -7.30
CA GLU A 21 8.31 -3.98 -7.55
C GLU A 21 7.27 -3.60 -6.50
N ILE A 22 6.53 -4.57 -6.00
CA ILE A 22 5.50 -4.26 -4.96
C ILE A 22 6.18 -3.87 -3.65
N GLU A 23 7.01 -4.71 -3.13
CA GLU A 23 7.70 -4.37 -1.85
C GLU A 23 8.48 -3.07 -2.01
N GLU A 24 8.95 -2.79 -3.20
CA GLU A 24 9.67 -1.51 -3.40
C GLU A 24 8.69 -0.36 -3.17
N LEU A 25 7.49 -0.53 -3.63
CA LEU A 25 6.45 0.52 -3.43
C LEU A 25 6.19 0.71 -1.94
N HIS A 26 6.20 -0.35 -1.17
CA HIS A 26 5.96 -0.22 0.28
C HIS A 26 7.01 0.72 0.89
N LYS A 27 8.26 0.54 0.57
CA LYS A 27 9.31 1.44 1.11
C LYS A 27 8.94 2.89 0.80
N LYS A 28 8.55 3.15 -0.42
CA LYS A 28 8.17 4.54 -0.79
C LYS A 28 7.04 5.03 0.12
N PHE A 29 6.07 4.19 0.37
CA PHE A 29 4.93 4.57 1.25
C PHE A 29 5.46 5.00 2.61
N HIS A 30 6.52 4.40 3.08
CA HIS A 30 7.08 4.81 4.39
C HIS A 30 7.61 6.24 4.26
N GLU A 31 8.21 6.55 3.15
CA GLU A 31 8.71 7.94 2.94
C GLU A 31 7.58 8.79 2.34
N LEU A 32 6.43 8.21 2.12
CA LEU A 32 5.28 8.96 1.53
C LEU A 32 4.41 9.51 2.65
N ILE A 33 4.34 8.83 3.77
CA ILE A 33 3.48 9.30 4.88
C ILE A 33 4.30 9.52 6.16
N LYS A 34 5.49 8.98 6.21
CA LYS A 34 6.34 9.15 7.43
C LYS A 34 5.57 8.69 8.67
N GLY A 35 5.44 7.40 8.85
CA GLY A 35 4.71 6.89 10.04
C GLY A 35 5.71 6.29 11.03
N GLY B 1 0.26 -0.15 -14.81
CA GLY B 1 0.53 -1.61 -14.70
C GLY B 1 -0.44 -2.23 -13.69
N GLU B 2 0.06 -3.02 -12.78
CA GLU B 2 -0.84 -3.65 -11.78
C GLU B 2 -0.68 -2.97 -10.41
N VAL B 3 0.53 -2.84 -9.95
CA VAL B 3 0.76 -2.19 -8.63
C VAL B 3 0.37 -0.70 -8.69
N GLU B 4 0.31 -0.14 -9.86
CA GLU B 4 -0.07 1.29 -9.99
C GLU B 4 -1.47 1.54 -9.43
N GLU B 5 -2.24 0.50 -9.23
CA GLU B 5 -3.62 0.68 -8.69
C GLU B 5 -3.57 0.94 -7.18
N LEU B 6 -2.88 0.11 -6.45
CA LEU B 6 -2.81 0.32 -4.97
C LEU B 6 -2.03 1.61 -4.68
N GLU B 7 -1.08 1.94 -5.53
CA GLU B 7 -0.29 3.17 -5.31
C GLU B 7 -1.17 4.41 -5.49
N LYS B 8 -1.89 4.48 -6.58
CA LYS B 8 -2.77 5.65 -6.81
C LYS B 8 -3.78 5.77 -5.67
N LYS B 9 -4.47 4.73 -5.37
CA LYS B 9 -5.45 4.80 -4.25
C LYS B 9 -4.71 5.17 -2.96
N PHE B 10 -3.43 4.93 -2.93
CA PHE B 10 -2.62 5.26 -1.71
C PHE B 10 -2.60 6.77 -1.47
N LYS B 11 -1.98 7.52 -2.35
CA LYS B 11 -1.92 8.99 -2.14
C LYS B 11 -3.30 9.63 -2.22
N GLU B 12 -4.16 9.06 -3.01
CA GLU B 12 -5.54 9.61 -3.13
C GLU B 12 -6.34 9.30 -1.87
N LEU B 13 -5.94 8.31 -1.14
CA LEU B 13 -6.68 7.98 0.11
C LEU B 13 -6.29 8.94 1.22
N TRP B 14 -5.03 9.29 1.32
CA TRP B 14 -4.60 10.25 2.38
C TRP B 14 -5.26 11.61 2.14
N LYS B 15 -5.20 12.08 0.93
CA LYS B 15 -5.80 13.39 0.61
C LYS B 15 -7.14 13.18 -0.11
N GLY B 16 -8.15 12.79 0.61
CA GLY B 16 -9.49 12.55 0.00
C GLY B 16 -10.40 11.88 1.03
N PRO B 17 -10.42 10.57 1.00
CA PRO B 17 -11.26 9.80 1.96
C PRO B 17 -10.58 9.77 3.33
N ARG B 18 -10.92 8.83 4.17
CA ARG B 18 -10.28 8.75 5.52
C ARG B 18 -8.76 8.87 5.40
N ARG B 19 -8.07 8.99 6.50
CA ARG B 19 -6.59 9.10 6.42
C ARG B 19 -5.92 8.27 7.52
N GLY B 20 -6.45 8.33 8.72
CA GLY B 20 -5.83 7.54 9.84
C GLY B 20 -5.91 6.05 9.52
N GLU B 21 -6.97 5.61 8.90
CA GLU B 21 -7.10 4.17 8.56
C GLU B 21 -6.11 3.78 7.47
N ILE B 22 -5.82 4.69 6.57
CA ILE B 22 -4.86 4.38 5.48
C ILE B 22 -3.44 4.22 6.04
N GLU B 23 -2.95 5.21 6.70
CA GLU B 23 -1.59 5.12 7.28
C GLU B 23 -1.50 3.92 8.22
N GLU B 24 -2.58 3.56 8.85
CA GLU B 24 -2.56 2.37 9.72
C GLU B 24 -2.28 1.14 8.85
N LEU B 25 -2.88 1.10 7.70
CA LEU B 25 -2.65 -0.04 6.78
C LEU B 25 -1.18 -0.09 6.37
N HIS B 26 -0.56 1.04 6.18
CA HIS B 26 0.88 1.05 5.79
C HIS B 26 1.70 0.33 6.85
N LYS B 27 1.46 0.62 8.10
CA LYS B 27 2.24 -0.06 9.18
C LYS B 27 2.07 -1.58 9.01
N LYS B 28 0.86 -2.03 8.81
CA LYS B 28 0.64 -3.49 8.62
C LYS B 28 1.48 -4.00 7.46
N PHE B 29 1.52 -3.27 6.38
CA PHE B 29 2.33 -3.69 5.20
C PHE B 29 3.78 -3.89 5.61
N HIS B 30 4.26 -3.11 6.55
CA HIS B 30 5.67 -3.30 6.99
C HIS B 30 5.79 -4.65 7.69
N GLU B 31 4.79 -5.01 8.45
CA GLU B 31 4.80 -6.35 9.11
C GLU B 31 4.21 -7.40 8.17
N LEU B 32 3.79 -6.99 7.01
CA LEU B 32 3.20 -7.94 6.01
C LEU B 32 4.29 -8.48 5.09
N ILE B 33 5.29 -7.68 4.82
CA ILE B 33 6.36 -8.13 3.89
C ILE B 33 7.73 -8.09 4.58
N LYS B 34 7.84 -7.40 5.69
CA LYS B 34 9.14 -7.33 6.40
C LYS B 34 10.24 -6.83 5.46
N GLY B 35 10.24 -5.55 5.16
CA GLY B 35 11.28 -5.01 4.25
C GLY B 35 12.29 -4.18 5.05
N GLY A 1 -0.74 9.64 -10.74
CA GLY A 1 0.28 8.80 -11.45
C GLY A 1 -0.15 7.34 -11.42
N GLU A 2 0.78 6.44 -11.37
CA GLU A 2 0.43 4.99 -11.35
C GLU A 2 0.30 4.51 -9.90
N VAL A 3 0.94 5.18 -8.98
CA VAL A 3 0.85 4.77 -7.55
C VAL A 3 -0.32 5.47 -6.86
N GLU A 4 -0.82 6.52 -7.43
CA GLU A 4 -1.96 7.25 -6.80
C GLU A 4 -3.16 6.31 -6.62
N GLU A 5 -3.19 5.20 -7.31
CA GLU A 5 -4.34 4.27 -7.17
C GLU A 5 -4.23 3.47 -5.87
N LEU A 6 -3.10 2.87 -5.62
CA LEU A 6 -2.96 2.08 -4.37
C LEU A 6 -2.98 3.05 -3.17
N GLU A 7 -2.53 4.26 -3.37
CA GLU A 7 -2.52 5.25 -2.25
C GLU A 7 -3.95 5.65 -1.88
N LYS A 8 -4.73 6.06 -2.84
CA LYS A 8 -6.13 6.46 -2.54
C LYS A 8 -6.89 5.28 -1.93
N LYS A 9 -6.77 4.12 -2.51
CA LYS A 9 -7.48 2.95 -1.94
C LYS A 9 -6.92 2.66 -0.54
N PHE A 10 -5.72 3.13 -0.27
CA PHE A 10 -5.10 2.90 1.06
C PHE A 10 -5.89 3.62 2.16
N LYS A 11 -5.91 4.93 2.13
CA LYS A 11 -6.65 5.68 3.18
C LYS A 11 -8.15 5.43 3.07
N GLU A 12 -8.63 5.16 1.89
CA GLU A 12 -10.08 4.89 1.71
C GLU A 12 -10.43 3.52 2.25
N LEU A 13 -9.47 2.64 2.32
CA LEU A 13 -9.74 1.28 2.84
C LEU A 13 -9.83 1.31 4.36
N TRP A 14 -8.98 2.07 5.00
CA TRP A 14 -9.05 2.15 6.49
C TRP A 14 -10.37 2.79 6.92
N LYS A 15 -10.71 3.89 6.31
CA LYS A 15 -11.98 4.57 6.68
C LYS A 15 -13.05 4.27 5.62
N GLY A 16 -13.61 3.10 5.66
CA GLY A 16 -14.65 2.73 4.66
C GLY A 16 -14.92 1.22 4.77
N PRO A 17 -14.22 0.46 3.97
CA PRO A 17 -14.38 -1.01 3.98
C PRO A 17 -13.65 -1.60 5.19
N ARG A 18 -13.31 -2.86 5.16
CA ARG A 18 -12.59 -3.48 6.32
C ARG A 18 -11.40 -2.59 6.74
N ARG A 19 -10.75 -2.93 7.81
CA ARG A 19 -9.59 -2.11 8.26
C ARG A 19 -8.43 -3.00 8.75
N GLY A 20 -8.76 -4.05 9.45
CA GLY A 20 -7.68 -4.96 9.96
C GLY A 20 -6.97 -5.62 8.78
N GLU A 21 -7.68 -5.98 7.75
CA GLU A 21 -7.04 -6.63 6.58
C GLU A 21 -6.14 -5.63 5.84
N ILE A 22 -6.47 -4.37 5.89
CA ILE A 22 -5.64 -3.35 5.20
C ILE A 22 -4.32 -3.14 5.95
N GLU A 23 -4.41 -2.78 7.20
CA GLU A 23 -3.18 -2.56 7.99
C GLU A 23 -2.35 -3.85 7.99
N GLU A 24 -2.99 -4.98 7.83
CA GLU A 24 -2.23 -6.25 7.77
C GLU A 24 -1.42 -6.26 6.47
N LEU A 25 -2.01 -5.80 5.41
CA LEU A 25 -1.29 -5.75 4.11
C LEU A 25 -0.12 -4.77 4.21
N HIS A 26 -0.20 -3.83 5.11
CA HIS A 26 0.91 -2.85 5.25
C HIS A 26 2.12 -3.56 5.88
N LYS A 27 1.90 -4.30 6.93
CA LYS A 27 3.04 -5.03 7.57
C LYS A 27 3.73 -5.90 6.51
N LYS A 28 2.96 -6.57 5.70
CA LYS A 28 3.57 -7.42 4.64
C LYS A 28 4.39 -6.52 3.70
N PHE A 29 3.84 -5.41 3.29
CA PHE A 29 4.57 -4.48 2.38
C PHE A 29 5.94 -4.15 2.98
N HIS A 30 6.03 -4.08 4.28
CA HIS A 30 7.36 -3.81 4.90
C HIS A 30 8.29 -4.98 4.61
N GLU A 31 7.80 -6.18 4.77
CA GLU A 31 8.63 -7.36 4.46
C GLU A 31 8.55 -7.66 2.96
N LEU A 32 7.86 -6.83 2.22
CA LEU A 32 7.71 -7.04 0.75
C LEU A 32 8.77 -6.23 0.00
N ILE A 33 9.18 -5.12 0.55
CA ILE A 33 10.20 -4.28 -0.16
C ILE A 33 11.45 -4.07 0.69
N LYS A 34 11.37 -4.39 1.97
CA LYS A 34 12.56 -4.20 2.85
C LYS A 34 13.54 -5.37 2.68
N GLY A 35 14.60 -5.17 1.95
CA GLY A 35 15.58 -6.27 1.75
C GLY A 35 16.54 -6.32 2.94
N GLY B 1 -10.83 -8.94 -3.04
CA GLY B 1 -11.65 -8.12 -2.10
C GLY B 1 -11.49 -6.63 -2.46
N GLU B 2 -11.56 -5.78 -1.48
CA GLU B 2 -11.41 -4.32 -1.75
C GLU B 2 -9.94 -3.91 -1.61
N VAL B 3 -9.17 -4.66 -0.88
CA VAL B 3 -7.73 -4.32 -0.70
C VAL B 3 -6.88 -5.01 -1.77
N GLU B 4 -7.41 -6.00 -2.41
CA GLU B 4 -6.63 -6.71 -3.47
C GLU B 4 -6.21 -5.73 -4.57
N GLU B 5 -6.83 -4.59 -4.65
CA GLU B 5 -6.46 -3.61 -5.72
C GLU B 5 -5.17 -2.90 -5.35
N LEU B 6 -5.08 -2.35 -4.17
CA LEU B 6 -3.83 -1.64 -3.79
C LEU B 6 -2.69 -2.67 -3.65
N GLU B 7 -3.02 -3.88 -3.31
CA GLU B 7 -1.97 -4.94 -3.17
C GLU B 7 -1.38 -5.29 -4.54
N LYS B 8 -2.21 -5.60 -5.49
CA LYS B 8 -1.70 -5.97 -6.84
C LYS B 8 -0.92 -4.80 -7.43
N LYS B 9 -1.46 -3.62 -7.34
CA LYS B 9 -0.73 -2.44 -7.88
C LYS B 9 0.57 -2.25 -7.09
N PHE B 10 0.61 -2.77 -5.89
CA PHE B 10 1.83 -2.65 -5.05
C PHE B 10 3.01 -3.39 -5.68
N LYS B 11 2.92 -4.69 -5.78
CA LYS B 11 4.05 -5.47 -6.37
C LYS B 11 4.21 -5.15 -7.85
N GLU B 12 3.13 -4.80 -8.50
CA GLU B 12 3.21 -4.46 -9.95
C GLU B 12 3.86 -3.10 -10.13
N LEU B 13 3.81 -2.27 -9.12
CA LEU B 13 4.43 -0.92 -9.24
C LEU B 13 5.95 -1.03 -9.08
N TRP B 14 6.40 -1.87 -8.18
CA TRP B 14 7.87 -2.03 -8.00
C TRP B 14 8.49 -2.63 -9.25
N LYS B 15 7.89 -3.67 -9.76
CA LYS B 15 8.43 -4.32 -10.98
C LYS B 15 7.59 -3.93 -12.19
N GLY B 16 7.77 -2.73 -12.68
CA GLY B 16 6.98 -2.26 -13.85
C GLY B 16 7.20 -0.75 -14.03
N PRO B 17 6.33 0.02 -13.42
CA PRO B 17 6.44 1.50 -13.50
C PRO B 17 7.54 1.98 -12.56
N ARG B 18 7.50 3.23 -12.15
CA ARG B 18 8.55 3.75 -11.22
C ARG B 18 8.73 2.79 -10.03
N ARG B 19 9.69 3.05 -9.19
CA ARG B 19 9.90 2.15 -8.02
C ARG B 19 10.23 2.98 -6.77
N GLY B 20 11.01 4.00 -6.90
CA GLY B 20 11.38 4.83 -5.72
C GLY B 20 10.12 5.52 -5.17
N GLU B 21 9.26 5.96 -6.04
CA GLU B 21 8.02 6.65 -5.56
C GLU B 21 7.09 5.66 -4.86
N ILE B 22 7.15 4.41 -5.23
CA ILE B 22 6.27 3.39 -4.58
C ILE B 22 6.79 3.08 -3.17
N GLU B 23 8.02 2.66 -3.06
CA GLU B 23 8.58 2.36 -1.73
C GLU B 23 8.50 3.60 -0.85
N GLU B 24 8.49 4.76 -1.45
CA GLU B 24 8.37 6.01 -0.64
C GLU B 24 6.95 6.05 -0.06
N LEU B 25 5.98 5.67 -0.84
CA LEU B 25 4.58 5.66 -0.35
C LEU B 25 4.45 4.63 0.77
N HIS B 26 5.30 3.63 0.79
CA HIS B 26 5.21 2.61 1.87
C HIS B 26 5.66 3.23 3.19
N LYS B 27 6.77 3.92 3.18
CA LYS B 27 7.23 4.57 4.45
C LYS B 27 6.12 5.46 5.00
N LYS B 28 5.47 6.21 4.14
CA LYS B 28 4.36 7.08 4.61
C LYS B 28 3.26 6.20 5.22
N PHE B 29 2.91 5.14 4.54
CA PHE B 29 1.85 4.22 5.07
C PHE B 29 2.19 3.81 6.51
N HIS B 30 3.45 3.68 6.81
CA HIS B 30 3.83 3.30 8.20
C HIS B 30 3.43 4.45 9.13
N GLU B 31 3.74 5.65 8.73
CA GLU B 31 3.34 6.82 9.57
C GLU B 31 1.89 7.21 9.24
N LEU B 32 1.23 6.44 8.39
CA LEU B 32 -0.18 6.74 8.02
C LEU B 32 -1.13 5.92 8.90
N ILE B 33 -0.70 4.76 9.34
CA ILE B 33 -1.61 3.93 10.18
C ILE B 33 -0.98 3.62 11.55
N LYS B 34 0.29 3.87 11.70
CA LYS B 34 0.96 3.59 13.01
C LYS B 34 0.68 4.72 14.00
N GLY B 35 -0.23 4.52 14.92
CA GLY B 35 -0.54 5.59 15.91
C GLY B 35 0.47 5.53 17.06
N GLY A 1 -15.51 -0.75 0.78
CA GLY A 1 -14.39 0.19 0.51
C GLY A 1 -13.26 -0.54 -0.20
N GLU A 2 -12.43 0.16 -0.92
CA GLU A 2 -11.30 -0.51 -1.64
C GLU A 2 -9.97 -0.02 -1.09
N VAL A 3 -9.72 1.26 -1.12
CA VAL A 3 -8.44 1.80 -0.59
C VAL A 3 -8.33 1.49 0.91
N GLU A 4 -9.43 1.56 1.61
CA GLU A 4 -9.39 1.28 3.08
C GLU A 4 -9.06 -0.20 3.33
N GLU A 5 -9.30 -1.04 2.36
CA GLU A 5 -9.00 -2.49 2.54
C GLU A 5 -7.49 -2.72 2.50
N LEU A 6 -6.83 -2.24 1.48
CA LEU A 6 -5.36 -2.43 1.40
C LEU A 6 -4.67 -1.66 2.54
N GLU A 7 -5.32 -0.64 3.05
CA GLU A 7 -4.73 0.15 4.18
C GLU A 7 -4.75 -0.71 5.45
N LYS A 8 -5.88 -1.28 5.76
CA LYS A 8 -5.97 -2.12 6.99
C LYS A 8 -4.97 -3.27 6.90
N LYS A 9 -4.91 -3.94 5.78
CA LYS A 9 -3.93 -5.05 5.63
C LYS A 9 -2.52 -4.47 5.75
N PHE A 10 -2.38 -3.21 5.45
CA PHE A 10 -1.04 -2.55 5.53
C PHE A 10 -0.52 -2.56 6.97
N LYS A 11 -1.18 -1.87 7.86
CA LYS A 11 -0.70 -1.84 9.28
C LYS A 11 -0.76 -3.24 9.89
N GLU A 12 -1.76 -4.00 9.54
CA GLU A 12 -1.88 -5.38 10.09
C GLU A 12 -0.74 -6.24 9.54
N LEU A 13 -0.17 -5.85 8.44
CA LEU A 13 0.95 -6.65 7.86
C LEU A 13 2.24 -6.37 8.63
N TRP A 14 2.47 -5.16 9.03
CA TRP A 14 3.71 -4.86 9.79
C TRP A 14 3.66 -5.56 11.15
N LYS A 15 2.56 -5.47 11.82
CA LYS A 15 2.44 -6.12 13.14
C LYS A 15 1.59 -7.39 13.01
N GLY A 16 2.06 -8.33 12.21
CA GLY A 16 1.28 -9.59 12.01
C GLY A 16 2.19 -10.62 11.31
N PRO A 17 2.11 -10.64 10.01
CA PRO A 17 2.92 -11.60 9.22
C PRO A 17 4.39 -11.16 9.18
N ARG A 18 4.79 -10.38 8.20
CA ARG A 18 6.21 -9.94 8.14
C ARG A 18 6.30 -8.42 8.17
N ARG A 19 7.47 -7.88 8.37
CA ARG A 19 7.63 -6.41 8.42
C ARG A 19 8.70 -5.94 7.42
N GLY A 20 9.71 -6.72 7.20
CA GLY A 20 10.78 -6.31 6.25
C GLY A 20 10.26 -6.42 4.81
N GLU A 21 9.65 -7.52 4.47
CA GLU A 21 9.13 -7.68 3.08
C GLU A 21 7.96 -6.73 2.82
N ILE A 22 7.15 -6.48 3.82
CA ILE A 22 6.00 -5.55 3.62
C ILE A 22 6.51 -4.13 3.38
N GLU A 23 7.39 -3.64 4.22
CA GLU A 23 7.91 -2.27 4.02
C GLU A 23 8.65 -2.19 2.68
N GLU A 24 9.28 -3.25 2.27
CA GLU A 24 9.95 -3.22 0.94
C GLU A 24 8.88 -2.97 -0.12
N LEU A 25 7.72 -3.52 0.13
CA LEU A 25 6.59 -3.32 -0.81
C LEU A 25 6.28 -1.83 -0.92
N HIS A 26 6.16 -1.16 0.20
CA HIS A 26 5.89 0.31 0.17
C HIS A 26 6.88 1.01 -0.75
N LYS A 27 8.15 0.69 -0.64
CA LYS A 27 9.16 1.32 -1.52
C LYS A 27 8.71 1.17 -2.99
N LYS A 28 8.27 0.00 -3.35
CA LYS A 28 7.79 -0.20 -4.75
C LYS A 28 6.64 0.77 -5.04
N PHE A 29 5.66 0.82 -4.19
CA PHE A 29 4.51 1.74 -4.38
C PHE A 29 5.01 3.16 -4.69
N HIS A 30 6.08 3.56 -4.06
CA HIS A 30 6.62 4.92 -4.33
C HIS A 30 7.06 5.00 -5.79
N GLU A 31 7.81 4.03 -6.25
CA GLU A 31 8.23 4.02 -7.67
C GLU A 31 7.08 3.50 -8.56
N LEU A 32 5.96 3.17 -7.95
CA LEU A 32 4.80 2.66 -8.72
C LEU A 32 3.90 3.81 -9.12
N ILE A 33 3.80 4.81 -8.30
CA ILE A 33 2.90 5.96 -8.62
C ILE A 33 3.67 7.29 -8.66
N LYS A 34 4.96 7.26 -8.40
CA LYS A 34 5.76 8.51 -8.42
C LYS A 34 5.13 9.55 -7.48
N GLY A 35 5.51 9.52 -6.23
CA GLY A 35 4.94 10.51 -5.26
C GLY A 35 4.80 9.84 -3.89
N GLY B 1 -1.09 -15.56 0.13
CA GLY B 1 -0.10 -14.47 0.32
C GLY B 1 -0.78 -13.28 1.00
N GLU B 2 -0.02 -12.44 1.65
CA GLU B 2 -0.63 -11.26 2.34
C GLU B 2 -0.14 -9.96 1.69
N VAL B 3 1.15 -9.75 1.65
CA VAL B 3 1.69 -8.50 1.03
C VAL B 3 1.32 -8.45 -0.45
N GLU B 4 1.32 -9.59 -1.11
CA GLU B 4 0.97 -9.62 -2.55
C GLU B 4 -0.51 -9.26 -2.74
N GLU B 5 -1.31 -9.42 -1.72
CA GLU B 5 -2.75 -9.11 -1.84
C GLU B 5 -2.95 -7.59 -1.88
N LEU B 6 -2.40 -6.89 -0.92
CA LEU B 6 -2.55 -5.41 -0.89
C LEU B 6 -1.82 -4.81 -2.11
N GLU B 7 -0.85 -5.50 -2.63
CA GLU B 7 -0.12 -4.99 -3.82
C GLU B 7 -1.02 -5.05 -5.05
N LYS B 8 -1.64 -6.18 -5.28
CA LYS B 8 -2.54 -6.30 -6.45
C LYS B 8 -3.66 -5.27 -6.36
N LYS B 9 -4.26 -5.14 -5.21
CA LYS B 9 -5.34 -4.12 -5.06
C LYS B 9 -4.74 -2.73 -5.27
N PHE B 10 -3.46 -2.61 -5.04
CA PHE B 10 -2.78 -1.30 -5.22
C PHE B 10 -2.85 -0.85 -6.69
N LYS B 11 -2.21 -1.57 -7.57
CA LYS B 11 -2.25 -1.15 -9.01
C LYS B 11 -3.67 -1.21 -9.56
N GLU B 12 -4.44 -2.17 -9.12
CA GLU B 12 -5.84 -2.28 -9.59
C GLU B 12 -6.66 -1.10 -9.06
N LEU B 13 -6.20 -0.48 -8.01
CA LEU B 13 -6.93 0.68 -7.44
C LEU B 13 -6.68 1.93 -8.28
N TRP B 14 -5.47 2.10 -8.76
CA TRP B 14 -5.19 3.30 -9.60
C TRP B 14 -5.95 3.21 -10.91
N LYS B 15 -5.91 2.08 -11.54
CA LYS B 15 -6.64 1.91 -12.82
C LYS B 15 -7.92 1.10 -12.57
N GLY B 16 -8.80 1.62 -11.77
CA GLY B 16 -10.07 0.89 -11.46
C GLY B 16 -11.04 1.86 -10.76
N PRO B 17 -11.01 1.84 -9.46
CA PRO B 17 -11.90 2.72 -8.66
C PRO B 17 -11.42 4.18 -8.71
N ARG B 18 -10.59 4.59 -7.80
CA ARG B 18 -10.10 6.02 -7.82
C ARG B 18 -8.59 6.06 -7.93
N ARG B 19 -8.04 7.21 -8.21
CA ARG B 19 -6.56 7.33 -8.35
C ARG B 19 -6.01 8.42 -7.43
N GLY B 20 -6.77 9.47 -7.22
CA GLY B 20 -6.28 10.57 -6.33
C GLY B 20 -6.33 10.12 -4.87
N GLU B 21 -7.43 9.56 -4.45
CA GLU B 21 -7.54 9.12 -3.03
C GLU B 21 -6.59 7.93 -2.76
N ILE B 22 -6.41 7.08 -3.73
CA ILE B 22 -5.51 5.90 -3.52
C ILE B 22 -4.07 6.39 -3.38
N GLU B 23 -3.60 7.21 -4.28
CA GLU B 23 -2.21 7.71 -4.17
C GLU B 23 -2.05 8.50 -2.88
N GLU B 24 -3.07 9.18 -2.44
CA GLU B 24 -2.95 9.92 -1.16
C GLU B 24 -2.68 8.89 -0.06
N LEU B 25 -3.27 7.73 -0.22
CA LEU B 25 -3.05 6.64 0.76
C LEU B 25 -1.56 6.31 0.82
N HIS B 26 -0.95 6.11 -0.33
CA HIS B 26 0.51 5.80 -0.36
C HIS B 26 1.27 6.82 0.48
N LYS B 27 0.97 8.09 0.32
CA LYS B 27 1.68 9.12 1.13
C LYS B 27 1.59 8.75 2.61
N LYS B 28 0.43 8.36 3.06
CA LYS B 28 0.29 7.95 4.48
C LYS B 28 1.26 6.79 4.79
N PHE B 29 1.23 5.77 3.96
CA PHE B 29 2.14 4.60 4.18
C PHE B 29 3.57 5.08 4.39
N HIS B 30 3.98 6.12 3.69
CA HIS B 30 5.36 6.63 3.88
C HIS B 30 5.52 7.14 5.31
N GLU B 31 4.59 7.93 5.77
CA GLU B 31 4.67 8.42 7.17
C GLU B 31 4.16 7.33 8.13
N LEU B 32 3.78 6.20 7.60
CA LEU B 32 3.27 5.08 8.45
C LEU B 32 4.43 4.17 8.85
N ILE B 33 5.39 4.01 7.97
CA ILE B 33 6.53 3.09 8.28
C ILE B 33 7.87 3.83 8.22
N LYS B 34 7.86 5.10 7.90
CA LYS B 34 9.13 5.87 7.82
C LYS B 34 10.10 5.18 6.85
N GLY B 35 10.02 5.49 5.59
CA GLY B 35 10.94 4.85 4.61
C GLY B 35 10.21 4.66 3.28
N GLY A 1 -13.24 -6.12 5.25
CA GLY A 1 -11.75 -6.18 5.20
C GLY A 1 -11.26 -5.64 3.86
N GLU A 2 -11.60 -4.43 3.54
CA GLU A 2 -11.16 -3.85 2.23
C GLU A 2 -9.68 -3.45 2.30
N VAL A 3 -9.29 -2.76 3.34
CA VAL A 3 -7.86 -2.36 3.47
C VAL A 3 -7.00 -3.56 3.88
N GLU A 4 -7.60 -4.59 4.42
CA GLU A 4 -6.82 -5.78 4.84
C GLU A 4 -6.24 -6.52 3.62
N GLU A 5 -6.79 -6.27 2.45
CA GLU A 5 -6.28 -6.96 1.24
C GLU A 5 -4.98 -6.30 0.76
N LEU A 6 -4.99 -5.01 0.60
CA LEU A 6 -3.74 -4.32 0.14
C LEU A 6 -2.67 -4.41 1.24
N GLU A 7 -3.08 -4.50 2.46
CA GLU A 7 -2.10 -4.61 3.58
C GLU A 7 -1.44 -5.98 3.55
N LYS A 8 -2.23 -7.03 3.51
CA LYS A 8 -1.64 -8.39 3.47
C LYS A 8 -0.70 -8.53 2.28
N LYS A 9 -1.13 -8.14 1.12
CA LYS A 9 -0.25 -8.24 -0.07
C LYS A 9 1.02 -7.41 0.18
N PHE A 10 0.89 -6.39 0.98
CA PHE A 10 2.06 -5.52 1.29
C PHE A 10 3.18 -6.32 1.97
N LYS A 11 2.94 -6.80 3.16
CA LYS A 11 4.02 -7.58 3.87
C LYS A 11 4.37 -8.85 3.11
N GLU A 12 3.42 -9.44 2.45
CA GLU A 12 3.71 -10.68 1.69
C GLU A 12 4.53 -10.38 0.45
N LEU A 13 4.50 -9.15 -0.01
CA LEU A 13 5.29 -8.79 -1.22
C LEU A 13 6.75 -8.56 -0.83
N TRP A 14 6.99 -7.97 0.31
CA TRP A 14 8.40 -7.74 0.73
C TRP A 14 9.09 -9.07 1.00
N LYS A 15 8.44 -9.93 1.73
CA LYS A 15 9.04 -11.26 2.03
C LYS A 15 8.41 -12.33 1.14
N GLY A 16 8.88 -12.44 -0.07
CA GLY A 16 8.32 -13.45 -1.02
C GLY A 16 8.74 -13.08 -2.45
N PRO A 17 7.89 -12.32 -3.09
CA PRO A 17 8.18 -11.88 -4.48
C PRO A 17 9.22 -10.75 -4.46
N ARG A 18 9.30 -9.97 -5.50
CA ARG A 18 10.29 -8.85 -5.53
C ARG A 18 10.20 -8.03 -4.23
N ARG A 19 11.06 -7.07 -4.06
CA ARG A 19 11.00 -6.24 -2.81
C ARG A 19 11.28 -4.77 -3.14
N GLY A 20 12.22 -4.51 -4.01
CA GLY A 20 12.55 -3.10 -4.35
C GLY A 20 11.34 -2.44 -5.03
N GLU A 21 10.63 -3.17 -5.83
CA GLU A 21 9.44 -2.57 -6.52
C GLU A 21 8.31 -2.32 -5.53
N ILE A 22 8.23 -3.10 -4.48
CA ILE A 22 7.15 -2.90 -3.48
C ILE A 22 7.42 -1.65 -2.65
N GLU A 23 8.60 -1.55 -2.09
CA GLU A 23 8.92 -0.34 -1.28
C GLU A 23 8.86 0.88 -2.20
N GLU A 24 9.08 0.69 -3.47
CA GLU A 24 8.97 1.83 -4.42
C GLU A 24 7.50 2.21 -4.50
N LEU A 25 6.64 1.23 -4.43
CA LEU A 25 5.17 1.49 -4.46
C LEU A 25 4.77 2.31 -3.24
N HIS A 26 5.49 2.16 -2.16
CA HIS A 26 5.16 2.94 -0.94
C HIS A 26 5.57 4.42 -1.13
N LYS A 27 6.68 4.65 -1.76
CA LYS A 27 7.10 6.07 -1.99
C LYS A 27 6.04 6.77 -2.83
N LYS A 28 5.64 6.16 -3.92
CA LYS A 28 4.59 6.77 -4.77
C LYS A 28 3.30 6.91 -3.96
N PHE A 29 3.00 5.93 -3.14
CA PHE A 29 1.77 5.99 -2.31
C PHE A 29 1.77 7.29 -1.51
N HIS A 30 2.92 7.72 -1.07
CA HIS A 30 3.00 9.00 -0.31
C HIS A 30 2.62 10.14 -1.25
N GLU A 31 3.17 10.14 -2.43
CA GLU A 31 2.81 11.21 -3.41
C GLU A 31 1.45 10.89 -4.04
N LEU A 32 0.85 9.80 -3.67
CA LEU A 32 -0.49 9.41 -4.22
C LEU A 32 -1.60 10.00 -3.37
N ILE A 33 -1.38 10.07 -2.09
CA ILE A 33 -2.44 10.60 -1.18
C ILE A 33 -1.96 11.84 -0.41
N LYS A 34 -0.79 12.33 -0.71
CA LYS A 34 -0.27 13.53 0.00
C LYS A 34 -1.33 14.64 0.03
N GLY A 35 -1.74 15.10 -1.13
CA GLY A 35 -2.76 16.18 -1.18
C GLY A 35 -2.07 17.54 -1.29
N GLY B 1 2.52 -9.40 -12.10
CA GLY B 1 1.84 -8.21 -11.54
C GLY B 1 1.58 -8.41 -10.05
N GLU B 2 2.62 -8.65 -9.29
CA GLU B 2 2.43 -8.86 -7.82
C GLU B 2 2.16 -7.52 -7.12
N VAL B 3 2.94 -6.52 -7.41
CA VAL B 3 2.72 -5.20 -6.77
C VAL B 3 1.53 -4.48 -7.39
N GLU B 4 1.12 -4.89 -8.57
CA GLU B 4 -0.04 -4.24 -9.23
C GLU B 4 -1.34 -4.55 -8.47
N GLU B 5 -1.34 -5.57 -7.66
CA GLU B 5 -2.57 -5.91 -6.90
C GLU B 5 -2.75 -4.97 -5.71
N LEU B 6 -1.73 -4.81 -4.90
CA LEU B 6 -1.86 -3.91 -3.73
C LEU B 6 -1.98 -2.46 -4.22
N GLU B 7 -1.42 -2.17 -5.36
CA GLU B 7 -1.51 -0.78 -5.91
C GLU B 7 -2.94 -0.50 -6.36
N LYS B 8 -3.50 -1.36 -7.16
CA LYS B 8 -4.88 -1.16 -7.66
C LYS B 8 -5.84 -1.03 -6.47
N LYS B 9 -5.76 -1.93 -5.53
CA LYS B 9 -6.66 -1.84 -4.35
C LYS B 9 -6.41 -0.52 -3.63
N PHE B 10 -5.22 0.00 -3.77
CA PHE B 10 -4.87 1.28 -3.11
C PHE B 10 -5.75 2.43 -3.62
N LYS B 11 -5.62 2.77 -4.88
CA LYS B 11 -6.44 3.89 -5.43
C LYS B 11 -7.93 3.55 -5.39
N GLU B 12 -8.26 2.31 -5.55
CA GLU B 12 -9.69 1.91 -5.52
C GLU B 12 -10.25 1.99 -4.10
N LEU B 13 -9.39 1.94 -3.12
CA LEU B 13 -9.87 2.03 -1.72
C LEU B 13 -10.15 3.49 -1.36
N TRP B 14 -9.34 4.40 -1.82
CA TRP B 14 -9.58 5.84 -1.50
C TRP B 14 -10.87 6.29 -2.15
N LYS B 15 -11.05 5.99 -3.40
CA LYS B 15 -12.28 6.41 -4.12
C LYS B 15 -13.23 5.22 -4.24
N GLY B 16 -13.97 4.94 -3.19
CA GLY B 16 -14.92 3.79 -3.21
C GLY B 16 -15.31 3.45 -1.77
N PRO B 17 -14.58 2.54 -1.18
CA PRO B 17 -14.85 2.14 0.21
C PRO B 17 -14.34 3.22 1.18
N ARG B 18 -14.11 2.87 2.42
CA ARG B 18 -13.61 3.89 3.39
C ARG B 18 -12.41 4.64 2.81
N ARG B 19 -11.92 5.63 3.50
CA ARG B 19 -10.75 6.39 2.97
C ARG B 19 -9.77 6.73 4.10
N GLY B 20 -10.26 7.09 5.24
CA GLY B 20 -9.36 7.43 6.38
C GLY B 20 -8.56 6.20 6.79
N GLU B 21 -9.15 5.05 6.76
CA GLU B 21 -8.42 3.81 7.16
C GLU B 21 -7.36 3.45 6.10
N ILE B 22 -7.60 3.79 4.88
CA ILE B 22 -6.61 3.46 3.80
C ILE B 22 -5.38 4.36 3.94
N GLU B 23 -5.57 5.65 4.00
CA GLU B 23 -4.41 6.56 4.15
C GLU B 23 -3.71 6.25 5.47
N GLU B 24 -4.44 5.73 6.42
CA GLU B 24 -3.79 5.35 7.70
C GLU B 24 -2.89 4.14 7.42
N LEU B 25 -3.31 3.30 6.53
CA LEU B 25 -2.50 2.11 6.15
C LEU B 25 -1.19 2.58 5.51
N HIS B 26 -1.22 3.72 4.88
CA HIS B 26 0.02 4.24 4.23
C HIS B 26 0.99 4.75 5.31
N LYS B 27 0.48 5.38 6.33
CA LYS B 27 1.40 5.86 7.40
C LYS B 27 2.12 4.66 8.02
N LYS B 28 1.38 3.65 8.38
CA LYS B 28 2.02 2.44 8.97
C LYS B 28 2.96 1.83 7.94
N PHE B 29 2.58 1.83 6.69
CA PHE B 29 3.46 1.27 5.63
C PHE B 29 4.84 1.92 5.71
N HIS B 30 4.87 3.20 6.01
CA HIS B 30 6.18 3.89 6.14
C HIS B 30 6.94 3.30 7.32
N GLU B 31 6.27 3.13 8.44
CA GLU B 31 6.94 2.51 9.62
C GLU B 31 7.02 0.99 9.43
N LEU B 32 6.49 0.48 8.34
CA LEU B 32 6.53 -0.98 8.08
C LEU B 32 7.81 -1.35 7.32
N ILE B 33 8.25 -0.48 6.45
CA ILE B 33 9.46 -0.78 5.65
C ILE B 33 10.57 0.25 5.89
N LYS B 34 10.37 1.16 6.81
CA LYS B 34 11.42 2.19 7.09
C LYS B 34 12.79 1.53 7.27
N GLY B 35 12.92 0.66 8.25
CA GLY B 35 14.23 0.00 8.47
C GLY B 35 15.03 0.76 9.53
N GLY A 1 -13.58 -6.19 3.57
CA GLY A 1 -13.07 -4.80 3.76
C GLY A 1 -12.70 -4.20 2.39
N GLU A 2 -11.52 -3.68 2.26
CA GLU A 2 -11.10 -3.10 0.96
C GLU A 2 -9.58 -3.17 0.80
N VAL A 3 -8.92 -4.02 1.54
CA VAL A 3 -7.43 -4.13 1.41
C VAL A 3 -7.07 -4.80 0.09
N GLU A 4 -7.94 -5.62 -0.43
CA GLU A 4 -7.64 -6.29 -1.74
C GLU A 4 -7.59 -5.26 -2.86
N GLU A 5 -8.18 -4.12 -2.67
CA GLU A 5 -8.16 -3.08 -3.74
C GLU A 5 -6.80 -2.40 -3.80
N LEU A 6 -6.34 -1.87 -2.70
CA LEU A 6 -5.01 -1.20 -2.69
C LEU A 6 -3.91 -2.23 -3.00
N GLU A 7 -4.12 -3.46 -2.64
CA GLU A 7 -3.10 -4.52 -2.91
C GLU A 7 -3.00 -4.78 -4.41
N LYS A 8 -4.11 -4.98 -5.06
CA LYS A 8 -4.07 -5.25 -6.52
C LYS A 8 -3.43 -4.07 -7.24
N LYS A 9 -3.88 -2.88 -6.97
CA LYS A 9 -3.26 -1.70 -7.63
C LYS A 9 -1.78 -1.63 -7.23
N PHE A 10 -1.43 -2.25 -6.14
CA PHE A 10 -0.01 -2.24 -5.67
C PHE A 10 0.89 -2.96 -6.67
N LYS A 11 0.72 -4.24 -6.83
CA LYS A 11 1.59 -4.99 -7.78
C LYS A 11 1.34 -4.55 -9.22
N GLU A 12 0.15 -4.13 -9.51
CA GLU A 12 -0.16 -3.66 -10.89
C GLU A 12 0.50 -2.32 -11.15
N LEU A 13 0.79 -1.58 -10.13
CA LEU A 13 1.44 -0.26 -10.32
C LEU A 13 2.94 -0.45 -10.57
N TRP A 14 3.55 -1.39 -9.89
CA TRP A 14 5.02 -1.62 -10.12
C TRP A 14 5.25 -2.12 -11.53
N LYS A 15 4.47 -3.07 -11.96
CA LYS A 15 4.64 -3.59 -13.34
C LYS A 15 3.54 -3.03 -14.25
N GLY A 16 3.75 -1.87 -14.77
CA GLY A 16 2.73 -1.24 -15.66
C GLY A 16 3.00 0.28 -15.72
N PRO A 17 2.36 1.00 -14.84
CA PRO A 17 2.54 2.47 -14.79
C PRO A 17 3.88 2.80 -14.12
N ARG A 18 4.03 3.98 -13.58
CA ARG A 18 5.31 4.35 -12.92
C ARG A 18 5.75 3.24 -11.94
N ARG A 19 6.92 3.36 -11.37
CA ARG A 19 7.38 2.33 -10.42
C ARG A 19 8.11 2.98 -9.23
N GLY A 20 8.92 3.97 -9.50
CA GLY A 20 9.66 4.64 -8.39
C GLY A 20 8.66 5.36 -7.47
N GLU A 21 7.58 5.86 -8.02
CA GLU A 21 6.58 6.56 -7.18
C GLU A 21 5.78 5.56 -6.34
N ILE A 22 5.64 4.35 -6.84
CA ILE A 22 4.89 3.32 -6.07
C ILE A 22 5.71 2.85 -4.87
N GLU A 23 6.93 2.46 -5.11
CA GLU A 23 7.80 2.02 -4.00
C GLU A 23 8.02 3.21 -3.07
N GLU A 24 7.92 4.40 -3.58
CA GLU A 24 8.07 5.59 -2.70
C GLU A 24 6.85 5.66 -1.81
N LEU A 25 5.72 5.26 -2.34
CA LEU A 25 4.46 5.26 -1.52
C LEU A 25 4.61 4.26 -0.38
N HIS A 26 5.35 3.21 -0.60
CA HIS A 26 5.56 2.20 0.47
C HIS A 26 6.49 2.77 1.54
N LYS A 27 7.42 3.61 1.15
CA LYS A 27 8.33 4.21 2.16
C LYS A 27 7.51 5.05 3.14
N LYS A 28 6.72 5.96 2.63
CA LYS A 28 5.87 6.79 3.53
C LYS A 28 4.94 5.86 4.31
N PHE A 29 4.43 4.85 3.67
CA PHE A 29 3.53 3.88 4.37
C PHE A 29 4.24 3.35 5.61
N HIS A 30 5.53 3.16 5.52
CA HIS A 30 6.29 2.67 6.70
C HIS A 30 6.31 3.77 7.77
N GLU A 31 6.42 5.00 7.35
CA GLU A 31 6.40 6.11 8.34
C GLU A 31 4.95 6.54 8.58
N LEU A 32 4.01 5.86 7.97
CA LEU A 32 2.56 6.19 8.14
C LEU A 32 1.98 5.36 9.27
N ILE A 33 2.40 4.13 9.37
CA ILE A 33 1.84 3.25 10.42
C ILE A 33 2.94 2.78 11.38
N LYS A 34 4.17 2.84 10.94
CA LYS A 34 5.30 2.40 11.81
C LYS A 34 5.05 0.99 12.35
N GLY A 35 5.96 0.45 13.11
CA GLY A 35 5.77 -0.92 13.67
C GLY A 35 6.75 -1.15 14.82
N GLY B 1 -1.20 8.13 -13.01
CA GLY B 1 -1.08 6.67 -12.80
C GLY B 1 -2.26 6.18 -11.94
N GLU B 2 -1.98 5.48 -10.88
CA GLU B 2 -3.09 4.98 -10.01
C GLU B 2 -2.60 4.79 -8.57
N VAL B 3 -1.51 5.43 -8.21
CA VAL B 3 -1.01 5.29 -6.82
C VAL B 3 -1.94 6.03 -5.84
N GLU B 4 -2.60 7.04 -6.30
CA GLU B 4 -3.53 7.79 -5.40
C GLU B 4 -4.70 6.91 -4.99
N GLU B 5 -4.97 5.87 -5.74
CA GLU B 5 -6.11 4.98 -5.38
C GLU B 5 -5.72 4.07 -4.21
N LEU B 6 -4.64 3.35 -4.32
CA LEU B 6 -4.23 2.46 -3.22
C LEU B 6 -3.88 3.30 -1.97
N GLU B 7 -3.41 4.50 -2.19
CA GLU B 7 -3.04 5.38 -1.04
C GLU B 7 -4.31 5.79 -0.27
N LYS B 8 -5.31 6.27 -0.96
CA LYS B 8 -6.56 6.69 -0.26
C LYS B 8 -7.15 5.50 0.49
N LYS B 9 -7.29 4.39 -0.16
CA LYS B 9 -7.84 3.19 0.54
C LYS B 9 -6.90 2.82 1.69
N PHE B 10 -5.66 3.24 1.60
CA PHE B 10 -4.68 2.92 2.67
C PHE B 10 -5.08 3.58 3.99
N LYS B 11 -5.06 4.89 4.05
CA LYS B 11 -5.42 5.58 5.32
C LYS B 11 -6.89 5.34 5.67
N GLU B 12 -7.72 5.17 4.67
CA GLU B 12 -9.16 4.94 4.93
C GLU B 12 -9.36 3.54 5.49
N LEU B 13 -8.45 2.64 5.22
CA LEU B 13 -8.61 1.26 5.74
C LEU B 13 -8.18 1.21 7.21
N TRP B 14 -7.15 1.93 7.57
CA TRP B 14 -6.72 1.93 9.01
C TRP B 14 -7.81 2.54 9.88
N LYS B 15 -8.35 3.65 9.47
CA LYS B 15 -9.41 4.30 10.28
C LYS B 15 -10.78 4.06 9.62
N GLY B 16 -11.36 2.92 9.90
CA GLY B 16 -12.69 2.59 9.30
C GLY B 16 -12.90 1.08 9.39
N PRO B 17 -12.50 0.38 8.36
CA PRO B 17 -12.64 -1.09 8.33
C PRO B 17 -11.56 -1.73 9.21
N ARG B 18 -11.23 -2.97 8.98
CA ARG B 18 -10.17 -3.64 9.81
C ARG B 18 -8.92 -2.75 9.90
N ARG B 19 -7.96 -3.14 10.69
CA ARG B 19 -6.72 -2.31 10.81
C ARG B 19 -5.50 -3.21 10.89
N GLY B 20 -5.58 -4.30 11.61
CA GLY B 20 -4.41 -5.21 11.72
C GLY B 20 -4.11 -5.84 10.35
N GLU B 21 -5.13 -6.08 9.58
CA GLU B 21 -4.91 -6.69 8.23
C GLU B 21 -4.31 -5.64 7.27
N ILE B 22 -4.59 -4.39 7.49
CA ILE B 22 -4.03 -3.33 6.60
C ILE B 22 -2.54 -3.17 6.89
N GLU B 23 -2.19 -2.96 8.13
CA GLU B 23 -0.76 -2.81 8.47
C GLU B 23 -0.04 -4.12 8.14
N GLU B 24 -0.76 -5.21 8.13
CA GLU B 24 -0.13 -6.50 7.76
C GLU B 24 0.18 -6.45 6.26
N LEU B 25 -0.69 -5.80 5.51
CA LEU B 25 -0.47 -5.67 4.05
C LEU B 25 0.80 -4.85 3.81
N HIS B 26 1.09 -3.92 4.69
CA HIS B 26 2.31 -3.09 4.53
C HIS B 26 3.55 -3.95 4.84
N LYS B 27 3.42 -4.89 5.74
CA LYS B 27 4.59 -5.75 6.06
C LYS B 27 4.98 -6.53 4.81
N LYS B 28 4.04 -7.21 4.22
CA LYS B 28 4.35 -7.98 2.98
C LYS B 28 4.84 -7.00 1.91
N PHE B 29 4.24 -5.85 1.85
CA PHE B 29 4.67 -4.82 0.85
C PHE B 29 6.17 -4.56 1.01
N HIS B 30 6.65 -4.60 2.22
CA HIS B 30 8.11 -4.39 2.45
C HIS B 30 8.87 -5.58 1.89
N GLU B 31 8.33 -6.76 2.03
CA GLU B 31 9.01 -7.96 1.46
C GLU B 31 8.55 -8.15 0.01
N LEU B 32 7.75 -7.24 -0.49
CA LEU B 32 7.25 -7.34 -1.90
C LEU B 32 8.18 -6.55 -2.82
N ILE B 33 8.65 -5.44 -2.35
CA ILE B 33 9.53 -4.59 -3.21
C ILE B 33 10.91 -4.43 -2.56
N LYS B 34 11.01 -4.66 -1.28
CA LYS B 34 12.32 -4.52 -0.59
C LYS B 34 12.96 -3.16 -0.89
N GLY B 35 14.11 -2.89 -0.34
CA GLY B 35 14.77 -1.58 -0.60
C GLY B 35 16.23 -1.66 -0.19
N GLY A 1 12.00 -0.15 -10.78
CA GLY A 1 10.60 -0.05 -10.29
C GLY A 1 10.59 0.10 -8.77
N GLU A 2 10.10 1.21 -8.29
CA GLU A 2 10.07 1.42 -6.81
C GLU A 2 8.73 0.97 -6.23
N VAL A 3 7.66 1.17 -6.96
CA VAL A 3 6.33 0.76 -6.45
C VAL A 3 6.25 -0.77 -6.35
N GLU A 4 6.90 -1.47 -7.24
CA GLU A 4 6.87 -2.96 -7.18
C GLU A 4 7.34 -3.45 -5.81
N GLU A 5 8.12 -2.65 -5.12
CA GLU A 5 8.61 -3.08 -3.78
C GLU A 5 7.48 -3.03 -2.75
N LEU A 6 6.80 -1.92 -2.66
CA LEU A 6 5.69 -1.82 -1.67
C LEU A 6 4.57 -2.80 -2.04
N GLU A 7 4.48 -3.17 -3.29
CA GLU A 7 3.43 -4.14 -3.72
C GLU A 7 3.74 -5.53 -3.15
N LYS A 8 4.93 -6.00 -3.37
CA LYS A 8 5.31 -7.34 -2.84
C LYS A 8 5.16 -7.36 -1.33
N LYS A 9 5.69 -6.38 -0.66
CA LYS A 9 5.55 -6.33 0.82
C LYS A 9 4.06 -6.29 1.17
N PHE A 10 3.26 -5.81 0.27
CA PHE A 10 1.79 -5.73 0.52
C PHE A 10 1.18 -7.12 0.71
N LYS A 11 1.18 -7.92 -0.33
CA LYS A 11 0.58 -9.28 -0.22
C LYS A 11 1.41 -10.17 0.71
N GLU A 12 2.65 -9.82 0.91
CA GLU A 12 3.51 -10.63 1.81
C GLU A 12 3.20 -10.29 3.26
N LEU A 13 2.70 -9.12 3.51
CA LEU A 13 2.37 -8.75 4.91
C LEU A 13 1.03 -9.37 5.30
N TRP A 14 0.11 -9.44 4.36
CA TRP A 14 -1.21 -10.06 4.69
C TRP A 14 -1.02 -11.54 4.98
N LYS A 15 -0.31 -12.22 4.12
CA LYS A 15 -0.08 -13.68 4.33
C LYS A 15 1.31 -13.90 4.92
N GLY A 16 1.43 -13.84 6.22
CA GLY A 16 2.75 -14.03 6.87
C GLY A 16 2.72 -13.37 8.25
N PRO A 17 3.09 -12.11 8.28
CA PRO A 17 3.09 -11.34 9.54
C PRO A 17 1.67 -10.93 9.91
N ARG A 18 1.51 -9.95 10.76
CA ARG A 18 0.14 -9.51 11.15
C ARG A 18 -0.73 -9.30 9.90
N ARG A 19 -2.02 -9.12 10.07
CA ARG A 19 -2.89 -8.92 8.90
C ARG A 19 -3.90 -7.79 9.15
N GLY A 20 -4.42 -7.70 10.34
CA GLY A 20 -5.40 -6.62 10.64
C GLY A 20 -4.69 -5.26 10.57
N GLU A 21 -3.44 -5.21 10.92
CA GLU A 21 -2.70 -3.91 10.86
C GLU A 21 -2.39 -3.54 9.41
N ILE A 22 -2.12 -4.50 8.57
CA ILE A 22 -1.83 -4.19 7.15
C ILE A 22 -3.08 -3.66 6.45
N GLU A 23 -4.18 -4.35 6.56
CA GLU A 23 -5.42 -3.86 5.91
C GLU A 23 -5.81 -2.52 6.54
N GLU A 24 -5.46 -2.31 7.78
CA GLU A 24 -5.77 -1.00 8.41
C GLU A 24 -4.92 0.07 7.71
N LEU A 25 -3.74 -0.32 7.29
CA LEU A 25 -2.85 0.62 6.58
C LEU A 25 -3.47 0.99 5.23
N HIS A 26 -4.09 0.03 4.59
CA HIS A 26 -4.73 0.31 3.28
C HIS A 26 -5.85 1.33 3.46
N LYS A 27 -6.53 1.30 4.56
CA LYS A 27 -7.61 2.29 4.77
C LYS A 27 -6.98 3.69 4.87
N LYS A 28 -5.91 3.81 5.61
CA LYS A 28 -5.22 5.13 5.73
C LYS A 28 -4.59 5.49 4.38
N PHE A 29 -4.35 4.51 3.54
CA PHE A 29 -3.75 4.78 2.21
C PHE A 29 -4.80 5.44 1.31
N HIS A 30 -6.01 4.96 1.37
CA HIS A 30 -7.08 5.56 0.54
C HIS A 30 -7.44 6.94 1.07
N GLU A 31 -7.25 7.17 2.34
CA GLU A 31 -7.58 8.51 2.91
C GLU A 31 -6.43 9.49 2.74
N LEU A 32 -5.22 9.01 2.59
CA LEU A 32 -4.07 9.95 2.43
C LEU A 32 -3.86 10.29 0.94
N ILE A 33 -4.36 9.49 0.04
CA ILE A 33 -4.18 9.81 -1.41
C ILE A 33 -5.50 10.32 -2.00
N LYS A 34 -6.60 10.03 -1.36
CA LYS A 34 -7.92 10.51 -1.89
C LYS A 34 -7.86 11.99 -2.23
N GLY A 35 -7.93 12.33 -3.49
CA GLY A 35 -7.88 13.76 -3.89
C GLY A 35 -8.66 13.96 -5.19
N GLY B 1 8.84 -3.68 13.05
CA GLY B 1 7.62 -3.28 12.30
C GLY B 1 7.86 -3.49 10.80
N GLU B 2 7.12 -4.36 10.18
CA GLU B 2 7.31 -4.60 8.72
C GLU B 2 6.36 -3.71 7.91
N VAL B 3 5.17 -3.49 8.39
CA VAL B 3 4.21 -2.63 7.63
C VAL B 3 4.71 -1.19 7.58
N GLU B 4 5.38 -0.75 8.61
CA GLU B 4 5.90 0.65 8.61
C GLU B 4 6.79 0.89 7.38
N GLU B 5 7.34 -0.16 6.83
CA GLU B 5 8.21 0.01 5.63
C GLU B 5 7.37 0.33 4.40
N LEU B 6 6.37 -0.46 4.13
CA LEU B 6 5.51 -0.20 2.94
C LEU B 6 4.78 1.14 3.11
N GLU B 7 4.58 1.56 4.33
CA GLU B 7 3.88 2.86 4.58
C GLU B 7 4.78 4.02 4.14
N LYS B 8 6.00 4.04 4.60
CA LYS B 8 6.92 5.14 4.22
C LYS B 8 7.10 5.15 2.70
N LYS B 9 7.36 4.02 2.12
CA LYS B 9 7.51 3.97 0.65
C LYS B 9 6.22 4.46 -0.01
N PHE B 10 5.12 4.33 0.70
CA PHE B 10 3.81 4.77 0.15
C PHE B 10 3.79 6.29 -0.09
N LYS B 11 3.87 7.07 0.95
CA LYS B 11 3.84 8.55 0.77
C LYS B 11 5.11 9.04 0.06
N GLU B 12 6.15 8.26 0.11
CA GLU B 12 7.41 8.67 -0.57
C GLU B 12 7.29 8.42 -2.07
N LEU B 13 6.46 7.50 -2.46
CA LEU B 13 6.31 7.21 -3.91
C LEU B 13 5.38 8.26 -4.53
N TRP B 14 4.39 8.70 -3.81
CA TRP B 14 3.48 9.75 -4.36
C TRP B 14 4.25 11.04 -4.55
N LYS B 15 4.96 11.45 -3.54
CA LYS B 15 5.74 12.72 -3.64
C LYS B 15 7.22 12.39 -3.94
N GLY B 16 7.55 12.24 -5.19
CA GLY B 16 8.95 11.92 -5.55
C GLY B 16 8.96 11.26 -6.93
N PRO B 17 8.85 9.95 -6.93
CA PRO B 17 8.83 9.20 -8.20
C PRO B 17 7.45 9.31 -8.87
N ARG B 18 7.12 8.43 -9.77
CA ARG B 18 5.79 8.49 -10.44
C ARG B 18 4.68 8.67 -9.40
N ARG B 19 3.47 8.94 -9.83
CA ARG B 19 2.37 9.13 -8.86
C ARG B 19 1.10 8.42 -9.35
N GLY B 20 0.83 8.49 -10.63
CA GLY B 20 -0.39 7.81 -11.16
C GLY B 20 -0.26 6.31 -10.99
N GLU B 21 0.94 5.79 -11.09
CA GLU B 21 1.14 4.31 -10.93
C GLU B 21 0.99 3.91 -9.47
N ILE B 22 1.41 4.75 -8.56
CA ILE B 22 1.29 4.40 -7.11
C ILE B 22 -0.18 4.38 -6.70
N GLU B 23 -0.91 5.41 -7.01
CA GLU B 23 -2.35 5.43 -6.63
C GLU B 23 -3.07 4.30 -7.37
N GLU B 24 -2.58 3.93 -8.52
CA GLU B 24 -3.21 2.80 -9.25
C GLU B 24 -2.95 1.53 -8.44
N LEU B 25 -1.83 1.48 -7.79
CA LEU B 25 -1.49 0.30 -6.94
C LEU B 25 -2.45 0.24 -5.76
N HIS B 26 -2.81 1.38 -5.22
CA HIS B 26 -3.75 1.40 -4.07
C HIS B 26 -5.10 0.85 -4.51
N LYS B 27 -5.50 1.08 -5.72
CA LYS B 27 -6.80 0.53 -6.19
C LYS B 27 -6.70 -1.00 -6.21
N LYS B 28 -5.63 -1.52 -6.73
CA LYS B 28 -5.46 -3.00 -6.76
C LYS B 28 -5.28 -3.52 -5.32
N PHE B 29 -4.88 -2.66 -4.42
CA PHE B 29 -4.70 -3.08 -3.00
C PHE B 29 -6.06 -3.29 -2.36
N HIS B 30 -6.98 -2.41 -2.63
CA HIS B 30 -8.35 -2.53 -2.06
C HIS B 30 -9.06 -3.72 -2.70
N GLU B 31 -8.72 -4.05 -3.91
CA GLU B 31 -9.39 -5.19 -4.61
C GLU B 31 -8.72 -6.53 -4.23
N LEU B 32 -7.48 -6.50 -3.83
CA LEU B 32 -6.80 -7.79 -3.48
C LEU B 32 -7.03 -8.13 -1.99
N ILE B 33 -7.38 -7.17 -1.18
CA ILE B 33 -7.62 -7.47 0.27
C ILE B 33 -9.13 -7.45 0.57
N LYS B 34 -9.90 -6.81 -0.27
CA LYS B 34 -11.38 -6.76 -0.03
C LYS B 34 -11.93 -8.16 0.26
N GLY B 35 -12.37 -8.39 1.47
CA GLY B 35 -12.92 -9.73 1.81
C GLY B 35 -13.95 -9.58 2.92
N GLY A 1 -10.50 -10.53 -2.80
CA GLY A 1 -9.46 -10.80 -1.77
C GLY A 1 -9.36 -9.60 -0.81
N GLU A 2 -8.47 -9.66 0.14
CA GLU A 2 -8.34 -8.52 1.10
C GLU A 2 -7.16 -7.64 0.70
N VAL A 3 -5.95 -8.15 0.83
CA VAL A 3 -4.75 -7.33 0.46
C VAL A 3 -4.75 -7.06 -1.04
N GLU A 4 -5.34 -7.94 -1.82
CA GLU A 4 -5.36 -7.74 -3.29
C GLU A 4 -6.10 -6.44 -3.64
N GLU A 5 -6.88 -5.93 -2.74
CA GLU A 5 -7.63 -4.67 -3.04
C GLU A 5 -6.70 -3.46 -2.98
N LEU A 6 -5.98 -3.31 -1.90
CA LEU A 6 -5.04 -2.15 -1.80
C LEU A 6 -3.92 -2.31 -2.83
N GLU A 7 -3.61 -3.53 -3.20
CA GLU A 7 -2.54 -3.76 -4.21
C GLU A 7 -3.00 -3.28 -5.59
N LYS A 8 -4.17 -3.69 -5.99
CA LYS A 8 -4.69 -3.26 -7.32
C LYS A 8 -4.77 -1.73 -7.35
N LYS A 9 -5.38 -1.13 -6.38
CA LYS A 9 -5.45 0.35 -6.35
C LYS A 9 -4.03 0.92 -6.34
N PHE A 10 -3.09 0.14 -5.88
CA PHE A 10 -1.68 0.61 -5.84
C PHE A 10 -1.13 0.88 -7.24
N LYS A 11 -0.98 -0.15 -8.04
CA LYS A 11 -0.44 0.07 -9.42
C LYS A 11 -1.41 0.90 -10.26
N GLU A 12 -2.67 0.83 -9.97
CA GLU A 12 -3.67 1.61 -10.75
C GLU A 12 -3.60 3.08 -10.34
N LEU A 13 -3.10 3.36 -9.17
CA LEU A 13 -3.00 4.77 -8.73
C LEU A 13 -1.79 5.44 -9.38
N TRP A 14 -0.70 4.73 -9.50
CA TRP A 14 0.50 5.32 -10.13
C TRP A 14 0.22 5.61 -11.60
N LYS A 15 -0.33 4.64 -12.28
CA LYS A 15 -0.63 4.83 -13.73
C LYS A 15 -2.12 5.09 -13.91
N GLY A 16 -2.58 6.25 -13.52
CA GLY A 16 -4.01 6.60 -13.66
C GLY A 16 -4.27 7.96 -12.99
N PRO A 17 -4.64 7.91 -11.73
CA PRO A 17 -4.91 9.15 -10.97
C PRO A 17 -3.57 9.78 -10.56
N ARG A 18 -3.59 10.64 -9.56
CA ARG A 18 -2.31 11.29 -9.11
C ARG A 18 -1.21 10.23 -8.95
N ARG A 19 0.01 10.65 -8.74
CA ARG A 19 1.11 9.66 -8.59
C ARG A 19 2.05 10.08 -7.46
N GLY A 20 2.33 11.34 -7.32
CA GLY A 20 3.24 11.80 -6.23
C GLY A 20 2.60 11.52 -4.87
N GLU A 21 1.31 11.68 -4.76
CA GLU A 21 0.64 11.42 -3.45
C GLU A 21 0.63 9.92 -3.14
N ILE A 22 0.55 9.10 -4.15
CA ILE A 22 0.54 7.62 -3.91
C ILE A 22 1.91 7.16 -3.42
N GLU A 23 2.95 7.44 -4.15
CA GLU A 23 4.30 7.02 -3.71
C GLU A 23 4.59 7.62 -2.32
N GLU A 24 4.05 8.79 -2.05
CA GLU A 24 4.26 9.38 -0.70
C GLU A 24 3.66 8.42 0.32
N LEU A 25 2.52 7.87 0.01
CA LEU A 25 1.87 6.89 0.92
C LEU A 25 2.84 5.77 1.23
N HIS A 26 3.34 5.11 0.22
CA HIS A 26 4.32 3.99 0.44
C HIS A 26 5.38 4.39 1.45
N LYS A 27 5.91 5.58 1.37
CA LYS A 27 6.94 6.01 2.36
C LYS A 27 6.37 5.85 3.77
N LYS A 28 5.18 6.36 4.00
CA LYS A 28 4.57 6.21 5.34
C LYS A 28 4.47 4.72 5.71
N PHE A 29 3.95 3.93 4.81
CA PHE A 29 3.82 2.47 5.06
C PHE A 29 5.15 1.90 5.57
N HIS A 30 6.25 2.40 5.08
CA HIS A 30 7.56 1.89 5.56
C HIS A 30 7.70 2.23 7.05
N GLU A 31 7.44 3.46 7.40
CA GLU A 31 7.51 3.84 8.84
C GLU A 31 6.23 3.40 9.56
N LEU A 32 5.33 2.75 8.85
CA LEU A 32 4.06 2.28 9.46
C LEU A 32 4.22 0.86 9.99
N ILE A 33 4.98 0.05 9.30
CA ILE A 33 5.15 -1.37 9.74
C ILE A 33 6.63 -1.70 10.01
N LYS A 34 7.50 -0.73 9.91
CA LYS A 34 8.95 -1.01 10.17
C LYS A 34 9.13 -1.78 11.48
N GLY A 35 9.84 -2.87 11.45
CA GLY A 35 10.05 -3.67 12.69
C GLY A 35 8.83 -4.56 12.93
N GLY B 1 -12.08 9.09 -1.32
CA GLY B 1 -10.79 9.51 -1.92
C GLY B 1 -10.20 8.36 -2.74
N GLU B 2 -9.05 8.55 -3.31
CA GLU B 2 -8.43 7.47 -4.14
C GLU B 2 -7.36 6.74 -3.32
N VAL B 3 -6.28 7.39 -3.02
CA VAL B 3 -5.20 6.73 -2.23
C VAL B 3 -5.69 6.43 -0.82
N GLU B 4 -6.62 7.20 -0.33
CA GLU B 4 -7.15 6.96 1.05
C GLU B 4 -7.80 5.58 1.14
N GLU B 5 -8.13 4.98 0.03
CA GLU B 5 -8.77 3.64 0.07
C GLU B 5 -7.73 2.56 0.37
N LEU B 6 -6.66 2.53 -0.37
CA LEU B 6 -5.61 1.51 -0.11
C LEU B 6 -4.95 1.78 1.26
N GLU B 7 -4.95 3.01 1.68
CA GLU B 7 -4.35 3.36 3.02
C GLU B 7 -5.22 2.79 4.14
N LYS B 8 -6.50 3.03 4.09
CA LYS B 8 -7.39 2.50 5.15
C LYS B 8 -7.28 0.98 5.20
N LYS B 9 -7.41 0.34 4.08
CA LYS B 9 -7.29 -1.15 4.06
C LYS B 9 -5.90 -1.53 4.58
N PHE B 10 -4.96 -0.63 4.47
CA PHE B 10 -3.58 -0.90 4.93
C PHE B 10 -3.54 -1.14 6.45
N LYS B 11 -3.82 -0.13 7.22
CA LYS B 11 -3.78 -0.30 8.71
C LYS B 11 -4.88 -1.26 9.17
N GLU B 12 -5.94 -1.35 8.45
CA GLU B 12 -7.04 -2.27 8.83
C GLU B 12 -6.65 -3.71 8.51
N LEU B 13 -5.73 -3.90 7.61
CA LEU B 13 -5.31 -5.28 7.27
C LEU B 13 -4.33 -5.79 8.31
N TRP B 14 -3.46 -4.95 8.80
CA TRP B 14 -2.49 -5.41 9.84
C TRP B 14 -3.25 -5.76 11.12
N LYS B 15 -4.12 -4.89 11.54
CA LYS B 15 -4.88 -5.14 12.77
C LYS B 15 -6.31 -5.60 12.42
N GLY B 16 -6.43 -6.81 11.92
CA GLY B 16 -7.77 -7.34 11.54
C GLY B 16 -7.59 -8.70 10.86
N PRO B 17 -7.49 -8.66 9.56
CA PRO B 17 -7.30 -9.90 8.77
C PRO B 17 -5.85 -10.36 8.88
N ARG B 18 -5.39 -11.18 7.96
CA ARG B 18 -3.97 -11.65 8.01
C ARG B 18 -3.02 -10.46 8.24
N ARG B 19 -1.77 -10.71 8.50
CA ARG B 19 -0.82 -9.58 8.72
C ARG B 19 0.51 -9.85 8.00
N GLY B 20 0.97 -11.07 8.00
CA GLY B 20 2.26 -11.38 7.33
C GLY B 20 2.13 -11.14 5.83
N GLU B 21 0.99 -11.47 5.27
CA GLU B 21 0.80 -11.27 3.79
C GLU B 21 0.71 -9.78 3.47
N ILE B 22 0.18 -8.99 4.36
CA ILE B 22 0.06 -7.53 4.10
C ILE B 22 1.45 -6.89 4.12
N GLU B 23 2.18 -7.05 5.18
CA GLU B 23 3.54 -6.44 5.23
C GLU B 23 4.37 -6.97 4.06
N GLU B 24 4.12 -8.18 3.64
CA GLU B 24 4.87 -8.72 2.47
C GLU B 24 4.55 -7.81 1.27
N LEU B 25 3.32 -7.43 1.16
CA LEU B 25 2.92 -6.52 0.04
C LEU B 25 3.79 -5.28 0.08
N HIS B 26 3.81 -4.58 1.18
CA HIS B 26 4.63 -3.34 1.30
C HIS B 26 6.04 -3.57 0.74
N LYS B 27 6.64 -4.69 1.04
CA LYS B 27 8.01 -4.96 0.49
C LYS B 27 7.97 -4.84 -1.03
N LYS B 28 7.02 -5.48 -1.66
CA LYS B 28 6.92 -5.39 -3.14
C LYS B 28 6.77 -3.93 -3.55
N PHE B 29 5.86 -3.22 -2.91
CA PHE B 29 5.64 -1.78 -3.24
C PHE B 29 6.98 -1.04 -3.25
N HIS B 30 7.89 -1.40 -2.38
CA HIS B 30 9.21 -0.71 -2.38
C HIS B 30 9.90 -1.00 -3.71
N GLU B 31 9.95 -2.25 -4.10
CA GLU B 31 10.59 -2.58 -5.41
C GLU B 31 9.60 -2.28 -6.54
N LEU B 32 8.43 -1.78 -6.22
CA LEU B 32 7.40 -1.47 -7.25
C LEU B 32 7.57 -0.01 -7.72
N ILE B 33 7.93 0.87 -6.82
CA ILE B 33 8.05 2.30 -7.20
C ILE B 33 9.48 2.83 -6.94
N LYS B 34 10.37 1.98 -6.52
CA LYS B 34 11.77 2.44 -6.25
C LYS B 34 12.30 3.26 -7.42
N GLY B 35 12.81 4.43 -7.16
CA GLY B 35 13.34 5.28 -8.27
C GLY B 35 12.18 6.02 -8.95
N GLY A 1 -8.99 -13.04 -1.21
CA GLY A 1 -7.97 -12.22 -0.51
C GLY A 1 -8.46 -10.78 -0.40
N GLU A 2 -8.34 -10.17 0.75
CA GLU A 2 -8.79 -8.76 0.90
C GLU A 2 -7.67 -7.80 0.52
N VAL A 3 -6.44 -8.18 0.72
CA VAL A 3 -5.31 -7.29 0.37
C VAL A 3 -5.26 -7.06 -1.14
N GLU A 4 -5.85 -7.94 -1.90
CA GLU A 4 -5.84 -7.78 -3.39
C GLU A 4 -6.48 -6.44 -3.78
N GLU A 5 -7.24 -5.83 -2.90
CA GLU A 5 -7.88 -4.54 -3.23
C GLU A 5 -6.88 -3.39 -3.14
N LEU A 6 -6.18 -3.28 -2.03
CA LEU A 6 -5.19 -2.18 -1.89
C LEU A 6 -4.05 -2.40 -2.91
N GLU A 7 -3.80 -3.63 -3.26
CA GLU A 7 -2.71 -3.92 -4.25
C GLU A 7 -3.09 -3.36 -5.63
N LYS A 8 -4.25 -3.73 -6.11
CA LYS A 8 -4.68 -3.23 -7.45
C LYS A 8 -4.72 -1.71 -7.45
N LYS A 9 -5.37 -1.12 -6.48
CA LYS A 9 -5.42 0.37 -6.44
C LYS A 9 -3.99 0.91 -6.34
N PHE A 10 -3.08 0.09 -5.88
CA PHE A 10 -1.66 0.53 -5.75
C PHE A 10 -1.05 0.83 -7.12
N LYS A 11 -0.90 -0.17 -7.94
CA LYS A 11 -0.27 0.06 -9.27
C LYS A 11 -1.17 0.93 -10.15
N GLU A 12 -2.45 0.86 -9.94
CA GLU A 12 -3.39 1.68 -10.75
C GLU A 12 -3.31 3.14 -10.30
N LEU A 13 -2.88 3.38 -9.09
CA LEU A 13 -2.78 4.78 -8.60
C LEU A 13 -1.54 5.44 -9.16
N TRP A 14 -0.44 4.73 -9.22
CA TRP A 14 0.81 5.33 -9.78
C TRP A 14 0.60 5.65 -11.26
N LYS A 15 0.05 4.72 -11.99
CA LYS A 15 -0.17 4.95 -13.44
C LYS A 15 -1.66 5.23 -13.69
N GLY A 16 -2.13 6.37 -13.26
CA GLY A 16 -3.57 6.72 -13.47
C GLY A 16 -3.85 8.06 -12.78
N PRO A 17 -4.30 7.98 -11.55
CA PRO A 17 -4.60 9.21 -10.77
C PRO A 17 -3.29 9.83 -10.28
N ARG A 18 -3.35 10.63 -9.23
CA ARG A 18 -2.10 11.26 -8.71
C ARG A 18 -1.00 10.20 -8.55
N ARG A 19 0.20 10.61 -8.25
CA ARG A 19 1.31 9.62 -8.09
C ARG A 19 2.20 10.00 -6.91
N GLY A 20 2.65 11.21 -6.86
CA GLY A 20 3.53 11.64 -5.72
C GLY A 20 2.83 11.35 -4.39
N GLU A 21 1.55 11.56 -4.32
CA GLU A 21 0.82 11.30 -3.05
C GLU A 21 0.77 9.80 -2.76
N ILE A 22 0.69 8.99 -3.78
CA ILE A 22 0.66 7.51 -3.55
C ILE A 22 1.99 7.04 -2.97
N GLU A 23 3.06 7.26 -3.69
CA GLU A 23 4.39 6.83 -3.18
C GLU A 23 4.65 7.46 -1.81
N GLU A 24 4.15 8.64 -1.58
CA GLU A 24 4.35 9.28 -0.25
C GLU A 24 3.73 8.37 0.82
N LEU A 25 2.59 7.82 0.53
CA LEU A 25 1.92 6.91 1.49
C LEU A 25 2.72 5.61 1.61
N HIS A 26 3.46 5.25 0.59
CA HIS A 26 4.26 4.01 0.65
C HIS A 26 5.39 4.19 1.67
N LYS A 27 5.86 5.40 1.83
CA LYS A 27 6.92 5.64 2.84
C LYS A 27 6.28 5.56 4.23
N LYS A 28 5.15 6.20 4.39
CA LYS A 28 4.44 6.14 5.70
C LYS A 28 4.00 4.69 5.97
N PHE A 29 3.91 3.90 4.93
CA PHE A 29 3.50 2.47 5.09
C PHE A 29 4.65 1.71 5.74
N HIS A 30 5.83 1.86 5.20
CA HIS A 30 7.01 1.17 5.76
C HIS A 30 7.30 1.65 7.19
N GLU A 31 6.86 2.84 7.51
CA GLU A 31 7.11 3.38 8.88
C GLU A 31 6.04 2.90 9.86
N LEU A 32 4.84 2.70 9.40
CA LEU A 32 3.76 2.26 10.32
C LEU A 32 3.76 0.72 10.48
N ILE A 33 4.48 0.03 9.63
CA ILE A 33 4.52 -1.47 9.74
C ILE A 33 5.90 -1.93 10.22
N LYS A 34 6.91 -1.14 10.01
CA LYS A 34 8.28 -1.54 10.46
C LYS A 34 8.47 -1.22 11.93
N GLY A 35 8.77 -2.21 12.73
CA GLY A 35 8.97 -1.96 14.18
C GLY A 35 10.13 -2.83 14.69
N GLY B 1 -9.99 12.19 -2.31
CA GLY B 1 -8.71 11.48 -2.59
C GLY B 1 -9.01 10.00 -2.83
N GLU B 2 -8.41 9.42 -3.84
CA GLU B 2 -8.65 7.97 -4.13
C GLU B 2 -7.65 7.12 -3.35
N VAL B 3 -6.49 7.63 -3.09
CA VAL B 3 -5.47 6.84 -2.34
C VAL B 3 -5.96 6.58 -0.90
N GLU B 4 -6.86 7.39 -0.43
CA GLU B 4 -7.38 7.20 0.96
C GLU B 4 -7.98 5.80 1.12
N GLU B 5 -8.31 5.15 0.03
CA GLU B 5 -8.91 3.80 0.13
C GLU B 5 -7.84 2.75 0.43
N LEU B 6 -6.79 2.72 -0.35
CA LEU B 6 -5.72 1.72 -0.09
C LEU B 6 -5.05 2.02 1.26
N GLU B 7 -5.06 3.26 1.67
CA GLU B 7 -4.43 3.63 2.97
C GLU B 7 -5.24 3.03 4.13
N LYS B 8 -6.52 3.27 4.15
CA LYS B 8 -7.36 2.72 5.25
C LYS B 8 -7.26 1.20 5.27
N LYS B 9 -7.45 0.56 4.15
CA LYS B 9 -7.34 -0.92 4.11
C LYS B 9 -5.93 -1.32 4.55
N PHE B 10 -5.00 -0.42 4.42
CA PHE B 10 -3.60 -0.72 4.83
C PHE B 10 -3.50 -0.98 6.33
N LYS B 11 -3.74 0.02 7.13
CA LYS B 11 -3.63 -0.17 8.61
C LYS B 11 -4.70 -1.14 9.12
N GLU B 12 -5.82 -1.19 8.46
CA GLU B 12 -6.90 -2.11 8.88
C GLU B 12 -6.54 -3.54 8.52
N LEU B 13 -5.68 -3.72 7.55
CA LEU B 13 -5.28 -5.09 7.15
C LEU B 13 -4.26 -5.65 8.14
N TRP B 14 -3.34 -4.84 8.58
CA TRP B 14 -2.33 -5.33 9.57
C TRP B 14 -3.02 -5.69 10.88
N LYS B 15 -3.88 -4.83 11.34
CA LYS B 15 -4.59 -5.11 12.62
C LYS B 15 -6.04 -5.53 12.33
N GLY B 16 -6.22 -6.71 11.78
CA GLY B 16 -7.59 -7.18 11.44
C GLY B 16 -7.49 -8.53 10.73
N PRO B 17 -7.45 -8.47 9.42
CA PRO B 17 -7.34 -9.71 8.60
C PRO B 17 -5.90 -10.20 8.63
N ARG B 18 -5.49 -10.99 7.66
CA ARG B 18 -4.09 -11.48 7.63
C ARG B 18 -3.10 -10.33 7.87
N ARG B 19 -1.85 -10.63 8.03
CA ARG B 19 -0.86 -9.53 8.26
C ARG B 19 0.44 -9.81 7.49
N GLY B 20 0.99 -10.98 7.62
CA GLY B 20 2.25 -11.30 6.90
C GLY B 20 2.05 -11.05 5.40
N GLU B 21 0.91 -11.39 4.87
CA GLU B 21 0.67 -11.17 3.42
C GLU B 21 0.61 -9.68 3.10
N ILE B 22 0.09 -8.89 4.00
CA ILE B 22 0.00 -7.43 3.75
C ILE B 22 1.40 -6.82 3.69
N GLU B 23 2.15 -6.95 4.75
CA GLU B 23 3.53 -6.40 4.75
C GLU B 23 4.32 -6.97 3.58
N GLU B 24 4.05 -8.19 3.21
CA GLU B 24 4.77 -8.78 2.05
C GLU B 24 4.51 -7.92 0.82
N LEU B 25 3.29 -7.48 0.66
CA LEU B 25 2.95 -6.61 -0.50
C LEU B 25 3.61 -5.25 -0.34
N HIS B 26 3.88 -4.85 0.87
CA HIS B 26 4.55 -3.53 1.08
C HIS B 26 5.97 -3.59 0.54
N LYS B 27 6.58 -4.75 0.59
CA LYS B 27 7.96 -4.87 0.03
C LYS B 27 7.85 -4.83 -1.49
N LYS B 28 6.92 -5.57 -2.04
CA LYS B 28 6.74 -5.55 -3.52
C LYS B 28 6.29 -4.15 -3.96
N PHE B 29 5.75 -3.39 -3.04
CA PHE B 29 5.31 -2.01 -3.37
C PHE B 29 6.54 -1.12 -3.55
N HIS B 30 7.45 -1.18 -2.63
CA HIS B 30 8.69 -0.37 -2.73
C HIS B 30 9.51 -0.80 -3.95
N GLU B 31 9.33 -2.02 -4.39
CA GLU B 31 10.11 -2.51 -5.56
C GLU B 31 9.42 -2.12 -6.87
N LEU B 32 8.12 -2.03 -6.88
CA LEU B 32 7.42 -1.68 -8.14
C LEU B 32 7.34 -0.14 -8.31
N ILE B 33 7.64 0.60 -7.28
CA ILE B 33 7.58 2.10 -7.40
C ILE B 33 8.99 2.70 -7.35
N LYS B 34 9.92 1.99 -6.76
CA LYS B 34 11.32 2.52 -6.69
C LYS B 34 12.06 2.25 -8.00
N GLY B 35 12.54 3.27 -8.65
CA GLY B 35 13.27 3.06 -9.94
C GLY B 35 14.46 4.03 -10.00
N GLY A 1 -13.28 0.92 -0.26
CA GLY A 1 -12.84 -0.34 -0.92
C GLY A 1 -12.58 -1.41 0.13
N GLU A 2 -11.66 -2.31 -0.12
CA GLU A 2 -11.36 -3.37 0.88
C GLU A 2 -9.86 -3.56 1.02
N VAL A 3 -9.20 -4.03 -0.01
CA VAL A 3 -7.73 -4.23 0.06
C VAL A 3 -7.17 -4.55 -1.33
N GLU A 4 -7.90 -5.30 -2.11
CA GLU A 4 -7.43 -5.67 -3.47
C GLU A 4 -7.33 -4.43 -4.37
N GLU A 5 -8.00 -3.37 -4.01
CA GLU A 5 -7.94 -2.14 -4.85
C GLU A 5 -6.60 -1.44 -4.65
N LEU A 6 -6.24 -1.17 -3.42
CA LEU A 6 -4.94 -0.49 -3.16
C LEU A 6 -3.79 -1.45 -3.52
N GLU A 7 -4.07 -2.73 -3.52
CA GLU A 7 -3.01 -3.73 -3.86
C GLU A 7 -2.70 -3.63 -5.37
N LYS A 8 -3.72 -3.70 -6.17
CA LYS A 8 -3.49 -3.60 -7.64
C LYS A 8 -2.80 -2.29 -7.98
N LYS A 9 -3.27 -1.20 -7.43
CA LYS A 9 -2.62 0.10 -7.72
C LYS A 9 -1.17 0.05 -7.21
N PHE A 10 -0.92 -0.79 -6.25
CA PHE A 10 0.46 -0.92 -5.70
C PHE A 10 1.43 -1.42 -6.78
N LYS A 11 1.26 -2.63 -7.23
CA LYS A 11 2.20 -3.17 -8.26
C LYS A 11 2.13 -2.36 -9.56
N GLU A 12 0.98 -1.88 -9.92
CA GLU A 12 0.87 -1.10 -11.18
C GLU A 12 1.53 0.26 -11.01
N LEU A 13 1.66 0.73 -9.80
CA LEU A 13 2.31 2.06 -9.60
C LEU A 13 3.83 1.90 -9.72
N TRP A 14 4.39 0.83 -9.21
CA TRP A 14 5.87 0.64 -9.32
C TRP A 14 6.26 0.53 -10.78
N LYS A 15 5.59 -0.33 -11.51
CA LYS A 15 5.92 -0.51 -12.94
C LYS A 15 4.99 0.34 -13.81
N GLY A 16 5.44 1.50 -14.19
CA GLY A 16 4.58 2.40 -15.01
C GLY A 16 4.87 3.85 -14.62
N PRO A 17 4.18 4.29 -13.59
CA PRO A 17 4.36 5.68 -13.11
C PRO A 17 5.64 5.78 -12.26
N ARG A 18 5.74 6.79 -11.43
CA ARG A 18 6.94 6.94 -10.55
C ARG A 18 7.26 5.63 -9.83
N ARG A 19 8.26 5.62 -8.99
CA ARG A 19 8.60 4.36 -8.26
C ARG A 19 9.27 4.67 -6.92
N GLY A 20 10.31 5.44 -6.92
CA GLY A 20 11.01 5.75 -5.63
C GLY A 20 10.01 6.29 -4.60
N GLU A 21 9.07 7.09 -5.04
CA GLU A 21 8.07 7.65 -4.08
C GLU A 21 7.06 6.58 -3.66
N ILE A 22 6.81 5.60 -4.50
CA ILE A 22 5.82 4.54 -4.11
C ILE A 22 6.41 3.69 -2.99
N GLU A 23 7.60 3.20 -3.19
CA GLU A 23 8.24 2.38 -2.14
C GLU A 23 8.43 3.22 -0.88
N GLU A 24 8.64 4.50 -1.04
CA GLU A 24 8.76 5.37 0.15
C GLU A 24 7.42 5.34 0.90
N LEU A 25 6.35 5.22 0.15
CA LEU A 25 5.00 5.14 0.77
C LEU A 25 4.89 3.84 1.57
N HIS A 26 5.53 2.80 1.10
CA HIS A 26 5.48 1.50 1.83
C HIS A 26 6.13 1.66 3.20
N LYS A 27 7.13 2.49 3.30
CA LYS A 27 7.78 2.68 4.63
C LYS A 27 6.80 3.44 5.54
N LYS A 28 6.20 4.49 5.05
CA LYS A 28 5.22 5.24 5.88
C LYS A 28 4.04 4.34 6.21
N PHE A 29 3.80 3.34 5.40
CA PHE A 29 2.68 2.40 5.67
C PHE A 29 3.01 1.59 6.93
N HIS A 30 4.11 0.90 6.90
CA HIS A 30 4.52 0.09 8.08
C HIS A 30 4.51 0.96 9.34
N GLU A 31 4.75 2.23 9.20
CA GLU A 31 4.77 3.12 10.39
C GLU A 31 3.35 3.49 10.85
N LEU A 32 2.42 3.62 9.93
CA LEU A 32 1.05 4.00 10.34
C LEU A 32 0.19 2.75 10.68
N ILE A 33 0.72 1.57 10.48
CA ILE A 33 -0.09 0.35 10.81
C ILE A 33 0.67 -0.57 11.77
N LYS A 34 1.92 -0.28 12.05
CA LYS A 34 2.70 -1.14 12.98
C LYS A 34 1.92 -1.34 14.29
N GLY A 35 1.76 -2.57 14.72
CA GLY A 35 1.02 -2.82 15.98
C GLY A 35 0.24 -4.13 15.85
N GLY B 1 -1.80 5.94 -11.84
CA GLY B 1 -1.74 6.97 -10.76
C GLY B 1 -0.28 7.29 -10.45
N GLU B 2 0.01 7.63 -9.22
CA GLU B 2 1.42 7.95 -8.85
C GLU B 2 1.77 7.30 -7.51
N VAL B 3 1.17 7.76 -6.45
CA VAL B 3 1.46 7.17 -5.11
C VAL B 3 0.45 7.69 -4.07
N GLU B 4 0.06 8.94 -4.19
CA GLU B 4 -0.90 9.52 -3.22
C GLU B 4 -2.26 8.85 -3.34
N GLU B 5 -2.53 8.20 -4.45
CA GLU B 5 -3.85 7.53 -4.60
C GLU B 5 -3.89 6.24 -3.77
N LEU B 6 -2.93 5.38 -3.94
CA LEU B 6 -2.91 4.13 -3.15
C LEU B 6 -2.65 4.47 -1.67
N GLU B 7 -2.05 5.60 -1.41
CA GLU B 7 -1.79 6.00 0.00
C GLU B 7 -3.11 6.35 0.69
N LYS B 8 -3.88 7.21 0.07
CA LYS B 8 -5.18 7.60 0.68
C LYS B 8 -6.04 6.36 0.88
N LYS B 9 -6.14 5.53 -0.12
CA LYS B 9 -6.95 4.30 0.03
C LYS B 9 -6.35 3.45 1.15
N PHE B 10 -5.09 3.60 1.41
CA PHE B 10 -4.42 2.82 2.49
C PHE B 10 -5.03 3.17 3.85
N LYS B 11 -4.86 4.37 4.31
CA LYS B 11 -5.42 4.74 5.65
C LYS B 11 -6.95 4.63 5.68
N GLU B 12 -7.59 4.97 4.60
CA GLU B 12 -9.07 4.89 4.57
C GLU B 12 -9.53 3.43 4.58
N LEU B 13 -8.68 2.53 4.15
CA LEU B 13 -9.09 1.10 4.14
C LEU B 13 -8.98 0.53 5.55
N TRP B 14 -7.97 0.90 6.29
CA TRP B 14 -7.84 0.38 7.68
C TRP B 14 -9.03 0.85 8.52
N LYS B 15 -9.30 2.11 8.50
CA LYS B 15 -10.44 2.66 9.29
C LYS B 15 -11.68 2.77 8.40
N GLY B 16 -12.54 1.78 8.46
CA GLY B 16 -13.76 1.81 7.62
C GLY B 16 -14.10 0.38 7.18
N PRO B 17 -13.48 -0.03 6.12
CA PRO B 17 -13.71 -1.40 5.59
C PRO B 17 -12.91 -2.42 6.40
N ARG B 18 -12.65 -3.58 5.84
CA ARG B 18 -11.86 -4.62 6.57
C ARG B 18 -10.57 -4.03 7.13
N ARG B 19 -9.74 -4.83 7.76
CA ARG B 19 -8.47 -4.29 8.31
C ARG B 19 -7.38 -5.35 8.37
N GLY B 20 -7.66 -6.48 8.97
CA GLY B 20 -6.63 -7.55 9.06
C GLY B 20 -6.08 -7.88 7.67
N GLU B 21 -6.93 -7.90 6.68
CA GLU B 21 -6.46 -8.21 5.31
C GLU B 21 -5.67 -7.04 4.71
N ILE B 22 -5.94 -5.84 5.12
CA ILE B 22 -5.19 -4.67 4.56
C ILE B 22 -3.75 -4.72 5.07
N GLU B 23 -3.57 -4.83 6.35
CA GLU B 23 -2.20 -4.89 6.91
C GLU B 23 -1.50 -6.14 6.35
N GLU B 24 -2.24 -7.18 6.10
CA GLU B 24 -1.61 -8.38 5.51
C GLU B 24 -1.06 -7.99 4.13
N LEU B 25 -1.75 -7.11 3.46
CA LEU B 25 -1.29 -6.63 2.13
C LEU B 25 0.02 -5.86 2.30
N HIS B 26 0.17 -5.17 3.39
CA HIS B 26 1.42 -4.40 3.64
C HIS B 26 2.60 -5.37 3.72
N LYS B 27 2.38 -6.54 4.26
CA LYS B 27 3.50 -7.52 4.32
C LYS B 27 3.85 -7.98 2.91
N LYS B 28 2.86 -8.34 2.13
CA LYS B 28 3.13 -8.78 0.74
C LYS B 28 3.75 -7.62 -0.05
N PHE B 29 3.50 -6.41 0.37
CA PHE B 29 4.09 -5.23 -0.32
C PHE B 29 5.60 -5.24 -0.10
N HIS B 30 6.02 -5.21 1.14
CA HIS B 30 7.46 -5.23 1.45
C HIS B 30 8.15 -6.39 0.72
N GLU B 31 7.43 -7.45 0.48
CA GLU B 31 8.04 -8.63 -0.22
C GLU B 31 8.13 -8.40 -1.73
N LEU B 32 7.20 -7.70 -2.31
CA LEU B 32 7.24 -7.49 -3.79
C LEU B 32 8.06 -6.24 -4.14
N ILE B 33 8.50 -5.48 -3.17
CA ILE B 33 9.30 -4.25 -3.50
C ILE B 33 10.65 -4.27 -2.77
N LYS B 34 10.86 -5.21 -1.89
CA LYS B 34 12.17 -5.26 -1.15
C LYS B 34 13.34 -5.23 -2.15
N GLY B 35 14.28 -4.36 -1.93
CA GLY B 35 15.45 -4.28 -2.87
C GLY B 35 15.88 -2.82 -3.01
N GLY A 1 -14.19 0.69 -5.94
CA GLY A 1 -12.97 -0.06 -5.54
C GLY A 1 -11.84 0.93 -5.23
N GLU A 2 -11.18 1.41 -6.25
CA GLU A 2 -10.06 2.38 -6.04
C GLU A 2 -9.00 1.79 -5.10
N VAL A 3 -8.99 0.50 -4.90
CA VAL A 3 -7.97 -0.11 -4.01
C VAL A 3 -7.10 -1.07 -4.82
N GLU A 4 -7.66 -1.73 -5.80
CA GLU A 4 -6.87 -2.67 -6.63
C GLU A 4 -5.78 -1.91 -7.39
N GLU A 5 -5.85 -0.61 -7.44
CA GLU A 5 -4.80 0.17 -8.18
C GLU A 5 -3.53 0.24 -7.34
N LEU A 6 -3.64 0.62 -6.10
CA LEU A 6 -2.42 0.70 -5.24
C LEU A 6 -1.89 -0.72 -4.99
N GLU A 7 -2.76 -1.70 -5.00
CA GLU A 7 -2.31 -3.10 -4.78
C GLU A 7 -1.47 -3.57 -5.96
N LYS A 8 -1.95 -3.38 -7.16
CA LYS A 8 -1.17 -3.81 -8.35
C LYS A 8 0.18 -3.09 -8.38
N LYS A 9 0.19 -1.80 -8.24
CA LYS A 9 1.48 -1.06 -8.22
C LYS A 9 2.34 -1.58 -7.07
N PHE A 10 1.72 -2.17 -6.08
CA PHE A 10 2.48 -2.71 -4.92
C PHE A 10 3.36 -3.89 -5.35
N LYS A 11 2.78 -4.99 -5.75
CA LYS A 11 3.61 -6.16 -6.16
C LYS A 11 4.44 -5.84 -7.39
N GLU A 12 3.97 -4.93 -8.20
CA GLU A 12 4.72 -4.57 -9.43
C GLU A 12 5.93 -3.72 -9.06
N LEU A 13 5.87 -3.06 -7.94
CA LEU A 13 7.02 -2.22 -7.52
C LEU A 13 8.14 -3.10 -6.93
N TRP A 14 7.77 -4.08 -6.16
CA TRP A 14 8.81 -4.99 -5.58
C TRP A 14 9.54 -5.72 -6.70
N LYS A 15 8.80 -6.26 -7.62
CA LYS A 15 9.42 -6.99 -8.75
C LYS A 15 9.42 -6.13 -10.00
N GLY A 16 10.27 -5.13 -10.04
CA GLY A 16 10.33 -4.22 -11.23
C GLY A 16 11.25 -3.05 -10.90
N PRO A 17 10.67 -2.00 -10.39
CA PRO A 17 11.45 -0.80 -10.02
C PRO A 17 12.17 -1.05 -8.69
N ARG A 18 12.55 -0.01 -7.98
CA ARG A 18 13.24 -0.20 -6.68
C ARG A 18 12.47 -1.20 -5.81
N ARG A 19 12.99 -1.53 -4.66
CA ARG A 19 12.27 -2.49 -3.77
C ARG A 19 12.39 -2.06 -2.31
N GLY A 20 13.53 -1.56 -1.90
CA GLY A 20 13.70 -1.13 -0.49
C GLY A 20 12.77 0.05 -0.18
N GLU A 21 12.61 0.95 -1.12
CA GLU A 21 11.71 2.12 -0.88
C GLU A 21 10.25 1.68 -0.82
N ILE A 22 9.90 0.64 -1.51
CA ILE A 22 8.48 0.17 -1.49
C ILE A 22 8.18 -0.49 -0.15
N GLU A 23 8.98 -1.44 0.25
CA GLU A 23 8.74 -2.08 1.56
C GLU A 23 8.84 -1.02 2.66
N GLU A 24 9.55 0.04 2.40
CA GLU A 24 9.62 1.14 3.40
C GLU A 24 8.26 1.81 3.44
N LEU A 25 7.64 1.94 2.30
CA LEU A 25 6.29 2.55 2.23
C LEU A 25 5.30 1.70 3.03
N HIS A 26 5.58 0.43 3.16
CA HIS A 26 4.67 -0.45 3.94
C HIS A 26 4.86 -0.21 5.44
N LYS A 27 6.07 -0.01 5.87
CA LYS A 27 6.28 0.27 7.33
C LYS A 27 5.49 1.52 7.71
N LYS A 28 5.62 2.57 6.95
CA LYS A 28 4.86 3.80 7.24
C LYS A 28 3.36 3.50 7.17
N PHE A 29 2.96 2.75 6.18
CA PHE A 29 1.52 2.38 6.02
C PHE A 29 1.00 1.83 7.35
N HIS A 30 1.81 1.09 8.06
CA HIS A 30 1.38 0.54 9.37
C HIS A 30 1.20 1.71 10.34
N GLU A 31 2.13 2.63 10.34
CA GLU A 31 1.98 3.82 11.23
C GLU A 31 1.09 4.87 10.55
N LEU A 32 0.54 4.54 9.41
CA LEU A 32 -0.35 5.50 8.68
C LEU A 32 -1.80 5.22 9.07
N ILE A 33 -2.13 3.99 9.30
CA ILE A 33 -3.55 3.66 9.64
C ILE A 33 -3.65 2.99 11.02
N LYS A 34 -2.53 2.68 11.63
CA LYS A 34 -2.56 2.04 12.97
C LYS A 34 -1.99 2.98 14.03
N GLY A 35 -2.28 2.74 15.28
CA GLY A 35 -1.74 3.63 16.34
C GLY A 35 -1.81 2.90 17.69
N GLY B 1 10.74 6.32 -9.33
CA GLY B 1 9.90 6.33 -8.10
C GLY B 1 8.82 5.25 -8.19
N GLU B 2 7.75 5.53 -8.89
CA GLU B 2 6.66 4.53 -9.04
C GLU B 2 6.13 4.08 -7.66
N VAL B 3 6.42 4.82 -6.63
CA VAL B 3 5.93 4.42 -5.28
C VAL B 3 4.99 5.50 -4.73
N GLU B 4 5.26 6.74 -5.06
CA GLU B 4 4.38 7.84 -4.59
C GLU B 4 2.96 7.68 -5.14
N GLU B 5 2.79 6.86 -6.14
CA GLU B 5 1.43 6.67 -6.73
C GLU B 5 0.58 5.80 -5.80
N LEU B 6 1.08 4.67 -5.39
CA LEU B 6 0.29 3.80 -4.48
C LEU B 6 0.14 4.49 -3.12
N GLU B 7 1.09 5.31 -2.75
CA GLU B 7 1.00 6.04 -1.45
C GLU B 7 -0.14 7.05 -1.49
N LYS B 8 -0.18 7.86 -2.52
CA LYS B 8 -1.27 8.87 -2.61
C LYS B 8 -2.62 8.18 -2.63
N LYS B 9 -2.79 7.20 -3.47
CA LYS B 9 -4.09 6.47 -3.51
C LYS B 9 -4.36 5.85 -2.13
N PHE B 10 -3.31 5.66 -1.37
CA PHE B 10 -3.47 5.06 -0.01
C PHE B 10 -4.24 6.00 0.92
N LYS B 11 -3.67 7.14 1.25
CA LYS B 11 -4.39 8.08 2.16
C LYS B 11 -5.66 8.60 1.52
N GLU B 12 -5.70 8.65 0.23
CA GLU B 12 -6.91 9.16 -0.48
C GLU B 12 -8.01 8.10 -0.42
N LEU B 13 -7.65 6.86 -0.24
CA LEU B 13 -8.68 5.79 -0.17
C LEU B 13 -9.32 5.79 1.21
N TRP B 14 -8.54 5.96 2.25
CA TRP B 14 -9.11 5.98 3.62
C TRP B 14 -10.06 7.15 3.76
N LYS B 15 -9.65 8.31 3.33
CA LYS B 15 -10.52 9.50 3.43
C LYS B 15 -11.14 9.82 2.06
N GLY B 16 -12.09 9.03 1.65
CA GLY B 16 -12.75 9.26 0.34
C GLY B 16 -13.67 8.06 0.04
N PRO B 17 -13.12 7.09 -0.64
CA PRO B 17 -13.89 5.87 -0.99
C PRO B 17 -14.00 4.97 0.25
N ARG B 18 -14.26 3.70 0.06
CA ARG B 18 -14.37 2.78 1.23
C ARG B 18 -13.16 2.95 2.17
N ARG B 19 -13.15 2.28 3.28
CA ARG B 19 -12.00 2.40 4.21
C ARG B 19 -11.62 1.05 4.80
N GLY B 20 -12.58 0.23 5.11
CA GLY B 20 -12.28 -1.10 5.70
C GLY B 20 -11.52 -1.97 4.68
N GLU B 21 -11.88 -1.87 3.43
CA GLU B 21 -11.18 -2.69 2.40
C GLU B 21 -9.74 -2.19 2.19
N ILE B 22 -9.51 -0.92 2.39
CA ILE B 22 -8.14 -0.37 2.22
C ILE B 22 -7.24 -0.84 3.36
N GLU B 23 -7.65 -0.63 4.58
CA GLU B 23 -6.83 -1.09 5.71
C GLU B 23 -6.68 -2.60 5.63
N GLU B 24 -7.61 -3.26 4.99
CA GLU B 24 -7.49 -4.73 4.84
C GLU B 24 -6.34 -4.98 3.86
N LEU B 25 -6.23 -4.15 2.86
CA LEU B 25 -5.13 -4.28 1.86
C LEU B 25 -3.79 -4.11 2.58
N HIS B 26 -3.78 -3.38 3.67
CA HIS B 26 -2.51 -3.18 4.42
C HIS B 26 -2.15 -4.46 5.18
N LYS B 27 -3.12 -5.12 5.75
CA LYS B 27 -2.82 -6.37 6.49
C LYS B 27 -2.16 -7.37 5.53
N LYS B 28 -2.76 -7.55 4.37
CA LYS B 28 -2.15 -8.48 3.38
C LYS B 28 -0.76 -7.96 2.99
N PHE B 29 -0.65 -6.67 2.79
CA PHE B 29 0.67 -6.07 2.43
C PHE B 29 1.74 -6.56 3.40
N HIS B 30 1.39 -6.69 4.65
CA HIS B 30 2.37 -7.20 5.65
C HIS B 30 2.70 -8.65 5.32
N GLU B 31 1.70 -9.43 5.01
CA GLU B 31 1.97 -10.85 4.63
C GLU B 31 2.34 -10.92 3.14
N LEU B 32 2.47 -9.78 2.50
CA LEU B 32 2.84 -9.76 1.06
C LEU B 32 4.36 -9.61 0.92
N ILE B 33 4.96 -8.88 1.82
CA ILE B 33 6.43 -8.66 1.72
C ILE B 33 7.15 -9.18 2.97
N LYS B 34 6.41 -9.59 3.97
CA LYS B 34 7.07 -10.11 5.21
C LYS B 34 6.78 -11.59 5.37
N GLY B 35 7.55 -12.28 6.17
CA GLY B 35 7.33 -13.74 6.37
C GLY B 35 8.01 -14.19 7.66
N GLY A 1 10.29 -10.68 6.79
CA GLY A 1 9.91 -10.26 5.41
C GLY A 1 8.44 -10.60 5.15
N GLU A 2 7.54 -9.85 5.71
CA GLU A 2 6.09 -10.14 5.51
C GLU A 2 5.44 -9.00 4.71
N VAL A 3 5.96 -7.81 4.83
CA VAL A 3 5.37 -6.66 4.08
C VAL A 3 5.74 -6.74 2.61
N GLU A 4 6.76 -7.49 2.27
CA GLU A 4 7.17 -7.59 0.85
C GLU A 4 5.98 -8.02 -0.02
N GLU A 5 4.98 -8.61 0.57
CA GLU A 5 3.80 -9.05 -0.22
C GLU A 5 2.98 -7.83 -0.67
N LEU A 6 2.61 -6.99 0.26
CA LEU A 6 1.80 -5.79 -0.11
C LEU A 6 2.62 -4.91 -1.07
N GLU A 7 3.92 -4.90 -0.92
CA GLU A 7 4.78 -4.08 -1.83
C GLU A 7 4.67 -4.60 -3.26
N LYS A 8 4.87 -5.88 -3.44
CA LYS A 8 4.78 -6.46 -4.81
C LYS A 8 3.42 -6.16 -5.43
N LYS A 9 2.35 -6.48 -4.74
CA LYS A 9 1.00 -6.18 -5.30
C LYS A 9 0.91 -4.69 -5.61
N PHE A 10 1.70 -3.90 -4.94
CA PHE A 10 1.67 -2.43 -5.17
C PHE A 10 2.15 -2.07 -6.58
N LYS A 11 3.39 -2.30 -6.89
CA LYS A 11 3.89 -1.94 -8.25
C LYS A 11 3.25 -2.83 -9.32
N GLU A 12 2.76 -3.96 -8.93
CA GLU A 12 2.11 -4.88 -9.92
C GLU A 12 0.70 -4.39 -10.22
N LEU A 13 0.10 -3.67 -9.31
CA LEU A 13 -1.28 -3.16 -9.55
C LEU A 13 -1.21 -1.91 -10.44
N TRP A 14 -0.23 -1.07 -10.24
CA TRP A 14 -0.11 0.14 -11.10
C TRP A 14 0.18 -0.28 -12.54
N LYS A 15 1.12 -1.18 -12.71
CA LYS A 15 1.46 -1.65 -14.07
C LYS A 15 0.87 -3.04 -14.30
N GLY A 16 -0.39 -3.12 -14.60
CA GLY A 16 -1.05 -4.43 -14.83
C GLY A 16 -2.56 -4.24 -14.83
N PRO A 17 -3.16 -4.39 -13.67
CA PRO A 17 -4.61 -4.21 -13.53
C PRO A 17 -4.94 -2.71 -13.49
N ARG A 18 -6.08 -2.34 -12.96
CA ARG A 18 -6.43 -0.89 -12.89
C ARG A 18 -5.26 -0.07 -12.33
N ARG A 19 -5.36 1.22 -12.33
CA ARG A 19 -4.25 2.05 -11.77
C ARG A 19 -4.81 3.23 -10.98
N GLY A 20 -5.83 3.86 -11.48
CA GLY A 20 -6.42 5.01 -10.75
C GLY A 20 -6.97 4.55 -9.41
N GLU A 21 -7.47 3.35 -9.35
CA GLU A 21 -8.03 2.83 -8.06
C GLU A 21 -6.89 2.50 -7.09
N ILE A 22 -5.77 2.08 -7.60
CA ILE A 22 -4.62 1.74 -6.70
C ILE A 22 -4.06 3.03 -6.07
N GLU A 23 -3.66 3.96 -6.88
CA GLU A 23 -3.11 5.23 -6.33
C GLU A 23 -4.17 5.88 -5.44
N GLU A 24 -5.43 5.70 -5.77
CA GLU A 24 -6.49 6.27 -4.90
C GLU A 24 -6.39 5.64 -3.52
N LEU A 25 -6.11 4.36 -3.48
CA LEU A 25 -5.97 3.66 -2.17
C LEU A 25 -4.71 4.18 -1.46
N HIS A 26 -3.71 4.57 -2.21
CA HIS A 26 -2.47 5.09 -1.56
C HIS A 26 -2.83 6.35 -0.76
N LYS A 27 -3.76 7.12 -1.24
CA LYS A 27 -4.16 8.33 -0.48
C LYS A 27 -4.89 7.88 0.79
N LYS A 28 -5.77 6.92 0.65
CA LYS A 28 -6.51 6.41 1.84
C LYS A 28 -5.51 5.78 2.84
N PHE A 29 -4.37 5.37 2.35
CA PHE A 29 -3.34 4.78 3.26
C PHE A 29 -2.75 5.88 4.12
N HIS A 30 -2.25 6.92 3.49
CA HIS A 30 -1.67 8.05 4.26
C HIS A 30 -2.69 8.59 5.25
N GLU A 31 -3.95 8.41 4.97
CA GLU A 31 -5.01 8.92 5.89
C GLU A 31 -5.23 7.97 7.07
N LEU A 32 -5.16 6.68 6.84
CA LEU A 32 -5.39 5.72 7.97
C LEU A 32 -4.09 5.51 8.78
N ILE A 33 -2.99 6.05 8.34
CA ILE A 33 -1.71 5.86 9.10
C ILE A 33 -1.10 7.20 9.51
N LYS A 34 -1.61 8.29 8.98
CA LYS A 34 -1.05 9.62 9.33
C LYS A 34 -0.99 9.78 10.86
N GLY A 35 0.16 10.09 11.38
CA GLY A 35 0.29 10.27 12.86
C GLY A 35 1.39 9.34 13.38
N GLY B 1 -12.27 -6.36 -8.31
CA GLY B 1 -11.83 -6.30 -6.89
C GLY B 1 -10.50 -7.04 -6.74
N GLU B 2 -9.42 -6.45 -7.18
CA GLU B 2 -8.10 -7.12 -7.06
C GLU B 2 -7.20 -6.35 -6.08
N VAL B 3 -7.40 -5.07 -5.97
CA VAL B 3 -6.57 -4.26 -5.03
C VAL B 3 -6.98 -4.52 -3.58
N GLU B 4 -8.17 -5.03 -3.37
CA GLU B 4 -8.63 -5.31 -1.98
C GLU B 4 -7.60 -6.17 -1.24
N GLU B 5 -6.77 -6.88 -1.95
CA GLU B 5 -5.75 -7.73 -1.28
C GLU B 5 -4.66 -6.86 -0.64
N LEU B 6 -4.06 -5.98 -1.40
CA LEU B 6 -3.00 -5.11 -0.83
C LEU B 6 -3.60 -4.25 0.30
N GLU B 7 -4.85 -3.90 0.18
CA GLU B 7 -5.50 -3.07 1.25
C GLU B 7 -5.56 -3.85 2.55
N LYS B 8 -6.06 -5.06 2.50
CA LYS B 8 -6.16 -5.90 3.73
C LYS B 8 -4.78 -6.06 4.36
N LYS B 9 -3.82 -6.49 3.60
CA LYS B 9 -2.45 -6.65 4.18
C LYS B 9 -1.99 -5.32 4.76
N PHE B 10 -2.55 -4.24 4.26
CA PHE B 10 -2.15 -2.90 4.76
C PHE B 10 -2.56 -2.70 6.23
N LYS B 11 -3.83 -2.67 6.52
CA LYS B 11 -4.26 -2.46 7.94
C LYS B 11 -3.89 -3.67 8.79
N GLU B 12 -3.68 -4.80 8.19
CA GLU B 12 -3.31 -6.01 8.97
C GLU B 12 -1.83 -5.94 9.33
N LEU B 13 -1.05 -5.25 8.56
CA LEU B 13 0.40 -5.15 8.86
C LEU B 13 0.62 -4.11 9.96
N TRP B 14 -0.10 -3.03 9.95
CA TRP B 14 0.07 -2.01 11.03
C TRP B 14 -0.35 -2.61 12.36
N LYS B 15 -1.49 -3.27 12.38
CA LYS B 15 -1.97 -3.88 13.64
C LYS B 15 -1.76 -5.40 13.59
N GLY B 16 -0.56 -5.83 13.84
CA GLY B 16 -0.26 -7.29 13.80
C GLY B 16 1.26 -7.48 13.81
N PRO B 17 1.82 -7.56 12.62
CA PRO B 17 3.28 -7.72 12.49
C PRO B 17 3.97 -6.38 12.72
N ARG B 18 5.18 -6.20 12.24
CA ARG B 18 5.88 -4.91 12.44
C ARG B 18 4.96 -3.73 12.06
N ARG B 19 5.38 -2.52 12.30
CA ARG B 19 4.53 -1.36 11.94
C ARG B 19 5.38 -0.22 11.38
N GLY B 20 6.52 0.02 11.96
CA GLY B 20 7.39 1.12 11.45
C GLY B 20 7.85 0.79 10.03
N GLU B 21 8.03 -0.46 9.72
CA GLU B 21 8.47 -0.85 8.36
C GLU B 21 7.32 -0.71 7.37
N ILE B 22 6.11 -0.92 7.81
CA ILE B 22 4.94 -0.79 6.90
C ILE B 22 4.73 0.68 6.54
N GLU B 23 4.54 1.52 7.51
CA GLU B 23 4.35 2.96 7.22
C GLU B 23 5.56 3.49 6.44
N GLU B 24 6.72 2.94 6.71
CA GLU B 24 7.92 3.39 5.94
C GLU B 24 7.69 3.07 4.47
N LEU B 25 7.10 1.93 4.19
CA LEU B 25 6.82 1.56 2.78
C LEU B 25 5.75 2.47 2.21
N HIS B 26 4.87 2.96 3.04
CA HIS B 26 3.82 3.88 2.53
C HIS B 26 4.49 5.14 1.97
N LYS B 27 5.57 5.56 2.57
CA LYS B 27 6.28 6.75 2.04
C LYS B 27 6.90 6.38 0.69
N LYS B 28 7.52 5.22 0.62
CA LYS B 28 8.13 4.77 -0.66
C LYS B 28 7.04 4.62 -1.73
N PHE B 29 5.81 4.42 -1.30
CA PHE B 29 4.69 4.29 -2.28
C PHE B 29 4.41 5.64 -2.90
N HIS B 30 4.16 6.63 -2.08
CA HIS B 30 3.90 8.00 -2.62
C HIS B 30 5.07 8.44 -3.51
N GLU B 31 6.23 7.90 -3.30
CA GLU B 31 7.40 8.30 -4.12
C GLU B 31 7.40 7.56 -5.47
N LEU B 32 7.01 6.31 -5.49
CA LEU B 32 7.01 5.56 -6.77
C LEU B 32 5.73 5.82 -7.58
N ILE B 33 4.79 6.54 -7.02
CA ILE B 33 3.52 6.81 -7.78
C ILE B 33 3.28 8.31 -7.91
N LYS B 34 4.02 9.11 -7.19
CA LYS B 34 3.82 10.60 -7.28
C LYS B 34 3.84 11.06 -8.75
N GLY B 35 2.81 11.73 -9.18
CA GLY B 35 2.77 12.20 -10.59
C GLY B 35 1.49 11.70 -11.26
N GLY A 1 -10.98 -4.31 -11.07
CA GLY A 1 -9.82 -3.95 -10.20
C GLY A 1 -10.24 -2.89 -9.19
N GLU A 2 -10.40 -3.27 -7.95
CA GLU A 2 -10.81 -2.28 -6.91
C GLU A 2 -9.59 -1.78 -6.13
N VAL A 3 -8.50 -2.49 -6.20
CA VAL A 3 -7.28 -2.05 -5.46
C VAL A 3 -6.49 -1.02 -6.29
N GLU A 4 -7.03 -0.57 -7.38
CA GLU A 4 -6.31 0.44 -8.22
C GLU A 4 -6.14 1.75 -7.44
N GLU A 5 -6.88 1.94 -6.39
CA GLU A 5 -6.75 3.20 -5.61
C GLU A 5 -5.54 3.13 -4.68
N LEU A 6 -5.35 2.03 -4.00
CA LEU A 6 -4.18 1.92 -3.09
C LEU A 6 -2.90 1.82 -3.94
N GLU A 7 -3.00 1.29 -5.12
CA GLU A 7 -1.81 1.18 -6.00
C GLU A 7 -1.41 2.55 -6.54
N LYS A 8 -2.34 3.25 -7.14
CA LYS A 8 -2.00 4.59 -7.69
C LYS A 8 -1.54 5.52 -6.59
N LYS A 9 -2.16 5.48 -5.44
CA LYS A 9 -1.74 6.37 -4.33
C LYS A 9 -0.34 5.95 -3.87
N PHE A 10 -0.02 4.70 -4.04
CA PHE A 10 1.32 4.21 -3.61
C PHE A 10 2.42 4.90 -4.43
N LYS A 11 2.46 4.65 -5.71
CA LYS A 11 3.53 5.27 -6.54
C LYS A 11 3.37 6.79 -6.57
N GLU A 12 2.18 7.28 -6.43
CA GLU A 12 1.98 8.76 -6.45
C GLU A 12 2.46 9.38 -5.14
N LEU A 13 2.53 8.60 -4.10
CA LEU A 13 2.99 9.16 -2.80
C LEU A 13 4.52 9.21 -2.76
N TRP A 14 5.17 8.25 -3.36
CA TRP A 14 6.67 8.28 -3.37
C TRP A 14 7.16 9.43 -4.23
N LYS A 15 6.56 9.60 -5.38
CA LYS A 15 6.99 10.69 -6.28
C LYS A 15 5.95 11.81 -6.28
N GLY A 16 6.05 12.73 -5.36
CA GLY A 16 5.07 13.85 -5.30
C GLY A 16 5.07 14.41 -3.86
N PRO A 17 4.19 13.89 -3.05
CA PRO A 17 4.09 14.34 -1.65
C PRO A 17 5.23 13.73 -0.83
N ARG A 18 5.10 13.66 0.47
CA ARG A 18 6.19 13.06 1.31
C ARG A 18 6.63 11.71 0.72
N ARG A 19 7.67 11.13 1.24
CA ARG A 19 8.13 9.83 0.70
C ARG A 19 8.59 8.91 1.85
N GLY A 20 9.28 9.44 2.81
CA GLY A 20 9.74 8.60 3.94
C GLY A 20 8.53 8.06 4.72
N GLU A 21 7.51 8.87 4.86
CA GLU A 21 6.30 8.40 5.59
C GLU A 21 5.56 7.33 4.77
N ILE A 22 5.68 7.39 3.47
CA ILE A 22 4.99 6.39 2.62
C ILE A 22 5.68 5.03 2.76
N GLU A 23 6.95 4.97 2.46
CA GLU A 23 7.68 3.68 2.58
C GLU A 23 7.58 3.20 4.03
N GLU A 24 7.48 4.11 4.97
CA GLU A 24 7.35 3.69 6.38
C GLU A 24 6.04 2.91 6.52
N LEU A 25 5.02 3.37 5.84
CA LEU A 25 3.71 2.66 5.89
C LEU A 25 3.84 1.31 5.20
N HIS A 26 4.74 1.19 4.25
CA HIS A 26 4.92 -0.11 3.56
C HIS A 26 5.48 -1.13 4.54
N LYS A 27 6.25 -0.69 5.49
CA LYS A 27 6.80 -1.65 6.49
C LYS A 27 5.66 -2.08 7.42
N LYS A 28 4.98 -1.13 8.01
CA LYS A 28 3.83 -1.49 8.89
C LYS A 28 2.84 -2.32 8.10
N PHE A 29 2.83 -2.18 6.80
CA PHE A 29 1.91 -2.97 5.95
C PHE A 29 2.32 -4.44 6.01
N HIS A 30 3.55 -4.72 5.69
CA HIS A 30 4.04 -6.13 5.74
C HIS A 30 3.80 -6.70 7.14
N GLU A 31 3.66 -5.86 8.12
CA GLU A 31 3.43 -6.35 9.51
C GLU A 31 1.94 -6.61 9.77
N LEU A 32 1.07 -5.86 9.16
CA LEU A 32 -0.39 -6.07 9.39
C LEU A 32 -0.95 -7.14 8.43
N ILE A 33 -0.16 -7.59 7.49
CA ILE A 33 -0.67 -8.62 6.52
C ILE A 33 0.22 -9.87 6.54
N LYS A 34 1.46 -9.73 6.91
CA LYS A 34 2.37 -10.91 6.95
C LYS A 34 2.32 -11.68 5.62
N GLY A 35 3.05 -11.22 4.65
CA GLY A 35 3.04 -11.91 3.33
C GLY A 35 3.79 -11.06 2.29
N GLY B 1 -1.67 14.77 6.80
CA GLY B 1 -1.51 13.34 6.38
C GLY B 1 -2.14 13.13 5.01
N GLU B 2 -1.34 12.99 3.99
CA GLU B 2 -1.89 12.79 2.62
C GLU B 2 -1.90 11.30 2.27
N VAL B 3 -1.13 10.49 2.97
CA VAL B 3 -1.09 9.04 2.67
C VAL B 3 -2.25 8.31 3.36
N GLU B 4 -3.16 9.03 3.96
CA GLU B 4 -4.29 8.36 4.65
C GLU B 4 -5.18 7.62 3.64
N GLU B 5 -5.04 7.92 2.37
CA GLU B 5 -5.87 7.23 1.34
C GLU B 5 -5.29 5.85 1.03
N LEU B 6 -4.01 5.76 0.85
CA LEU B 6 -3.39 4.43 0.55
C LEU B 6 -3.47 3.56 1.81
N GLU B 7 -3.46 4.16 2.96
CA GLU B 7 -3.54 3.37 4.23
C GLU B 7 -4.94 2.81 4.42
N LYS B 8 -5.94 3.66 4.36
CA LYS B 8 -7.32 3.17 4.56
C LYS B 8 -7.70 2.17 3.48
N LYS B 9 -7.29 2.40 2.27
CA LYS B 9 -7.61 1.42 1.19
C LYS B 9 -6.88 0.11 1.45
N PHE B 10 -5.76 0.19 2.11
CA PHE B 10 -4.97 -1.03 2.41
C PHE B 10 -5.77 -1.96 3.33
N LYS B 11 -6.03 -1.54 4.54
CA LYS B 11 -6.78 -2.41 5.48
C LYS B 11 -8.21 -2.67 4.98
N GLU B 12 -8.75 -1.75 4.24
CA GLU B 12 -10.14 -1.93 3.71
C GLU B 12 -10.13 -2.94 2.57
N LEU B 13 -9.01 -3.12 1.93
CA LEU B 13 -8.96 -4.10 0.80
C LEU B 13 -8.79 -5.52 1.35
N TRP B 14 -8.06 -5.68 2.43
CA TRP B 14 -7.90 -7.05 2.99
C TRP B 14 -9.22 -7.53 3.58
N LYS B 15 -9.89 -6.67 4.29
CA LYS B 15 -11.19 -7.08 4.89
C LYS B 15 -12.35 -6.41 4.15
N GLY B 16 -12.82 -7.04 3.10
CA GLY B 16 -13.93 -6.46 2.32
C GLY B 16 -13.90 -7.04 0.90
N PRO B 17 -13.23 -6.35 0.01
CA PRO B 17 -13.12 -6.82 -1.38
C PRO B 17 -12.09 -7.96 -1.46
N ARG B 18 -11.54 -8.22 -2.62
CA ARG B 18 -10.53 -9.31 -2.74
C ARG B 18 -9.47 -9.19 -1.63
N ARG B 19 -8.61 -10.15 -1.52
CA ARG B 19 -7.55 -10.07 -0.46
C ARG B 19 -6.22 -10.60 -0.99
N GLY B 20 -6.24 -11.67 -1.74
CA GLY B 20 -4.97 -12.22 -2.28
C GLY B 20 -4.35 -11.21 -3.24
N GLU B 21 -5.16 -10.54 -4.01
CA GLU B 21 -4.61 -9.53 -4.97
C GLU B 21 -4.04 -8.33 -4.21
N ILE B 22 -4.58 -8.04 -3.06
CA ILE B 22 -4.08 -6.89 -2.26
C ILE B 22 -2.70 -7.20 -1.69
N GLU B 23 -2.60 -8.25 -0.93
CA GLU B 23 -1.28 -8.63 -0.36
C GLU B 23 -0.29 -8.86 -1.50
N GLU B 24 -0.77 -9.30 -2.63
CA GLU B 24 0.14 -9.50 -3.79
C GLU B 24 0.73 -8.15 -4.18
N LEU B 25 -0.07 -7.13 -4.12
CA LEU B 25 0.42 -5.76 -4.45
C LEU B 25 1.40 -5.30 -3.38
N HIS B 26 1.26 -5.81 -2.18
CA HIS B 26 2.20 -5.42 -1.09
C HIS B 26 3.59 -5.97 -1.41
N LYS B 27 3.66 -7.08 -2.07
CA LYS B 27 4.99 -7.65 -2.43
C LYS B 27 5.58 -6.77 -3.54
N LYS B 28 4.86 -6.59 -4.62
CA LYS B 28 5.37 -5.72 -5.72
C LYS B 28 5.71 -4.34 -5.15
N PHE B 29 5.08 -3.98 -4.07
CA PHE B 29 5.35 -2.66 -3.43
C PHE B 29 6.77 -2.67 -2.87
N HIS B 30 7.06 -3.62 -2.03
CA HIS B 30 8.43 -3.71 -1.45
C HIS B 30 9.46 -3.78 -2.58
N GLU B 31 9.04 -4.18 -3.76
CA GLU B 31 10.00 -4.28 -4.89
C GLU B 31 10.15 -2.93 -5.61
N LEU B 32 9.11 -2.13 -5.65
CA LEU B 32 9.20 -0.82 -6.34
C LEU B 32 9.74 0.28 -5.39
N ILE B 33 9.90 -0.04 -4.13
CA ILE B 33 10.39 0.99 -3.17
C ILE B 33 11.66 0.50 -2.46
N LYS B 34 11.83 -0.78 -2.33
CA LYS B 34 13.05 -1.31 -1.65
C LYS B 34 13.22 -0.65 -0.28
N GLY B 35 12.53 -1.14 0.71
CA GLY B 35 12.65 -0.53 2.07
C GLY B 35 11.57 -1.12 2.98
N GLY A 1 -10.35 12.15 -3.83
CA GLY A 1 -9.98 10.77 -3.40
C GLY A 1 -8.59 10.78 -2.78
N GLU A 2 -7.60 11.21 -3.52
CA GLU A 2 -6.21 11.25 -2.98
C GLU A 2 -5.82 9.88 -2.42
N VAL A 3 -5.34 9.01 -3.27
CA VAL A 3 -4.91 7.64 -2.85
C VAL A 3 -5.86 7.06 -1.78
N GLU A 4 -7.12 7.34 -1.89
CA GLU A 4 -8.09 6.82 -0.89
C GLU A 4 -8.41 5.35 -1.19
N GLU A 5 -8.14 4.89 -2.37
CA GLU A 5 -8.43 3.46 -2.71
C GLU A 5 -7.31 2.55 -2.21
N LEU A 6 -6.09 2.95 -2.38
CA LEU A 6 -4.96 2.11 -1.91
C LEU A 6 -4.87 2.21 -0.37
N GLU A 7 -5.20 3.36 0.16
CA GLU A 7 -5.17 3.53 1.64
C GLU A 7 -6.29 2.72 2.28
N LYS A 8 -7.49 2.89 1.80
CA LYS A 8 -8.64 2.15 2.38
C LYS A 8 -8.42 0.64 2.23
N LYS A 9 -8.04 0.19 1.07
CA LYS A 9 -7.79 -1.27 0.88
C LYS A 9 -6.68 -1.70 1.84
N PHE A 10 -5.83 -0.79 2.21
CA PHE A 10 -4.71 -1.12 3.13
C PHE A 10 -5.25 -1.56 4.50
N LYS A 11 -5.86 -0.68 5.23
CA LYS A 11 -6.37 -1.06 6.58
C LYS A 11 -7.49 -2.10 6.48
N GLU A 12 -8.19 -2.12 5.39
CA GLU A 12 -9.30 -3.11 5.24
C GLU A 12 -8.73 -4.49 4.94
N LEU A 13 -7.55 -4.55 4.39
CA LEU A 13 -6.95 -5.87 4.08
C LEU A 13 -6.34 -6.48 5.35
N TRP A 14 -5.75 -5.67 6.19
CA TRP A 14 -5.16 -6.23 7.44
C TRP A 14 -6.28 -6.74 8.34
N LYS A 15 -7.32 -5.97 8.48
CA LYS A 15 -8.45 -6.40 9.35
C LYS A 15 -9.64 -6.82 8.48
N GLY A 16 -9.63 -8.03 8.00
CA GLY A 16 -10.73 -8.50 7.13
C GLY A 16 -10.26 -9.77 6.39
N PRO A 17 -9.70 -9.57 5.23
CA PRO A 17 -9.20 -10.71 4.43
C PRO A 17 -7.85 -11.17 5.01
N ARG A 18 -7.04 -11.84 4.22
CA ARG A 18 -5.72 -12.29 4.73
C ARG A 18 -4.98 -11.13 5.41
N ARG A 19 -3.84 -11.39 5.99
CA ARG A 19 -3.09 -10.28 6.64
C ARG A 19 -1.58 -10.44 6.40
N GLY A 20 -1.07 -11.63 6.55
CA GLY A 20 0.39 -11.84 6.33
C GLY A 20 0.74 -11.50 4.88
N GLU A 21 -0.18 -11.70 3.97
CA GLU A 21 0.11 -11.38 2.54
C GLU A 21 0.07 -9.87 2.31
N ILE A 22 -0.74 -9.16 3.07
CA ILE A 22 -0.81 -7.69 2.91
C ILE A 22 0.47 -7.05 3.41
N GLU A 23 0.82 -7.29 4.64
CA GLU A 23 2.07 -6.71 5.19
C GLU A 23 3.26 -7.20 4.35
N GLU A 24 3.17 -8.38 3.81
CA GLU A 24 4.27 -8.88 2.94
C GLU A 24 4.37 -7.95 1.73
N LEU A 25 3.25 -7.52 1.24
CA LEU A 25 3.26 -6.58 0.07
C LEU A 25 3.77 -5.22 0.51
N HIS A 26 3.65 -4.91 1.78
CA HIS A 26 4.15 -3.59 2.26
C HIS A 26 5.68 -3.60 2.22
N LYS A 27 6.28 -4.76 2.39
CA LYS A 27 7.76 -4.81 2.32
C LYS A 27 8.19 -4.67 0.85
N LYS A 28 7.60 -5.45 -0.01
CA LYS A 28 7.93 -5.35 -1.46
C LYS A 28 7.64 -3.92 -1.93
N PHE A 29 6.72 -3.26 -1.29
CA PHE A 29 6.39 -1.86 -1.65
C PHE A 29 7.60 -0.98 -1.38
N HIS A 30 8.07 -0.98 -0.17
CA HIS A 30 9.26 -0.16 0.18
C HIS A 30 10.41 -0.49 -0.77
N GLU A 31 10.40 -1.67 -1.34
CA GLU A 31 11.49 -2.06 -2.27
C GLU A 31 11.30 -1.42 -3.65
N LEU A 32 10.09 -1.34 -4.12
CA LEU A 32 9.85 -0.74 -5.48
C LEU A 32 9.77 0.80 -5.38
N ILE A 33 9.79 1.35 -4.20
CA ILE A 33 9.69 2.83 -4.08
C ILE A 33 10.88 3.40 -3.28
N LYS A 34 11.67 2.55 -2.67
CA LYS A 34 12.83 3.04 -1.88
C LYS A 34 12.36 4.07 -0.85
N GLY A 35 13.26 4.61 -0.07
CA GLY A 35 12.87 5.62 0.94
C GLY A 35 14.02 6.61 1.15
N GLY B 1 -7.81 -12.77 -6.60
CA GLY B 1 -7.33 -11.35 -6.55
C GLY B 1 -6.10 -11.27 -5.65
N GLU B 2 -6.21 -11.67 -4.42
CA GLU B 2 -5.05 -11.62 -3.49
C GLU B 2 -4.45 -10.21 -3.48
N VAL B 3 -4.99 -9.34 -2.65
CA VAL B 3 -4.49 -7.93 -2.55
C VAL B 3 -4.07 -7.38 -3.92
N GLU B 4 -4.79 -7.73 -4.96
CA GLU B 4 -4.44 -7.23 -6.31
C GLU B 4 -4.94 -5.78 -6.49
N GLU B 5 -5.85 -5.35 -5.66
CA GLU B 5 -6.37 -3.97 -5.79
C GLU B 5 -5.43 -2.97 -5.11
N LEU B 6 -4.94 -3.31 -3.95
CA LEU B 6 -4.01 -2.38 -3.24
C LEU B 6 -2.65 -2.43 -3.94
N GLU B 7 -2.28 -3.58 -4.45
CA GLU B 7 -0.98 -3.70 -5.17
C GLU B 7 -1.03 -2.94 -6.49
N LYS B 8 -2.05 -3.19 -7.28
CA LYS B 8 -2.16 -2.49 -8.58
C LYS B 8 -2.27 -0.98 -8.37
N LYS B 9 -3.10 -0.55 -7.47
CA LYS B 9 -3.22 0.91 -7.21
C LYS B 9 -1.86 1.44 -6.75
N PHE B 10 -1.07 0.58 -6.17
CA PHE B 10 0.28 1.02 -5.68
C PHE B 10 1.16 1.48 -6.85
N LYS B 11 1.53 0.57 -7.72
CA LYS B 11 2.42 0.96 -8.86
C LYS B 11 1.72 1.94 -9.79
N GLU B 12 0.42 1.88 -9.87
CA GLU B 12 -0.32 2.80 -10.77
C GLU B 12 -0.37 4.21 -10.17
N LEU B 13 -0.26 4.32 -8.87
CA LEU B 13 -0.30 5.66 -8.25
C LEU B 13 1.06 6.34 -8.37
N TRP B 14 2.13 5.60 -8.27
CA TRP B 14 3.48 6.22 -8.41
C TRP B 14 3.67 6.70 -9.85
N LYS B 15 3.31 5.88 -10.79
CA LYS B 15 3.46 6.27 -12.22
C LYS B 15 2.10 6.59 -12.82
N GLY B 16 1.62 7.79 -12.61
CA GLY B 16 0.28 8.17 -13.13
C GLY B 16 -0.19 9.44 -12.41
N PRO B 17 -0.90 9.24 -11.33
CA PRO B 17 -1.40 10.37 -10.52
C PRO B 17 -0.26 10.92 -9.66
N ARG B 18 -0.57 11.61 -8.60
CA ARG B 18 0.51 12.16 -7.72
C ARG B 18 1.54 11.06 -7.39
N ARG B 19 2.60 11.40 -6.70
CA ARG B 19 3.61 10.36 -6.35
C ARG B 19 4.14 10.59 -4.94
N GLY B 20 4.46 11.82 -4.61
CA GLY B 20 4.99 12.10 -3.24
C GLY B 20 3.93 11.73 -2.20
N GLU B 21 2.68 11.85 -2.54
CA GLU B 21 1.61 11.50 -1.56
C GLU B 21 1.48 9.99 -1.43
N ILE B 22 1.76 9.27 -2.48
CA ILE B 22 1.66 7.78 -2.41
C ILE B 22 2.78 7.23 -1.54
N GLU B 23 4.01 7.53 -1.87
CA GLU B 23 5.14 7.05 -1.05
C GLU B 23 4.98 7.56 0.38
N GLU B 24 4.40 8.72 0.54
CA GLU B 24 4.18 9.26 1.91
C GLU B 24 3.24 8.31 2.64
N LEU B 25 2.27 7.79 1.94
CA LEU B 25 1.32 6.82 2.56
C LEU B 25 2.04 5.50 2.83
N HIS B 26 3.10 5.23 2.09
CA HIS B 26 3.84 3.96 2.32
C HIS B 26 4.58 4.05 3.66
N LYS B 27 4.95 5.24 4.06
CA LYS B 27 5.63 5.38 5.37
C LYS B 27 4.59 5.22 6.48
N LYS B 28 3.50 5.94 6.38
CA LYS B 28 2.43 5.80 7.41
C LYS B 28 1.95 4.34 7.44
N PHE B 29 2.09 3.66 6.34
CA PHE B 29 1.68 2.23 6.29
C PHE B 29 2.57 1.42 7.23
N HIS B 30 3.86 1.49 7.02
CA HIS B 30 4.80 0.75 7.90
C HIS B 30 4.54 1.11 9.36
N GLU B 31 3.97 2.27 9.60
CA GLU B 31 3.70 2.70 11.00
C GLU B 31 2.45 2.00 11.54
N LEU B 32 1.44 1.84 10.73
CA LEU B 32 0.19 1.18 11.24
C LEU B 32 0.31 -0.35 11.17
N ILE B 33 1.37 -0.87 10.60
CA ILE B 33 1.52 -2.36 10.51
C ILE B 33 2.83 -2.82 11.14
N LYS B 34 3.71 -1.91 11.50
CA LYS B 34 5.00 -2.30 12.11
C LYS B 34 5.72 -3.33 11.22
N GLY B 35 6.87 -3.78 11.63
CA GLY B 35 7.61 -4.79 10.80
C GLY B 35 8.41 -5.70 11.73
#